data_7X1R
#
_entry.id   7X1R
#
_cell.length_a   1.00
_cell.length_b   1.00
_cell.length_c   1.00
_cell.angle_alpha   90.00
_cell.angle_beta   90.00
_cell.angle_gamma   90.00
#
_symmetry.space_group_name_H-M   'P 1'
#
loop_
_entity.id
_entity.type
_entity.pdbx_description
1 polymer 'Thioredoxin reductase 1, cytoplasmic'
2 non-polymer 'FLAVIN-ADENINE DINUCLEOTIDE'
3 non-polymer 'GOLD ION'
#
_entity_poly.entity_id   1
_entity_poly.type   'polypeptide(L)'
_entity_poly.pdbx_seq_one_letter_code
;MWSHPQFEKLGSNGPEDLPKSYDYDLIIIGGGSGGLAAAKEAAQYGKKVMVLDFVTPTPLGTRWGLGGTCVNVGCIPKKL
MHQAALLGQALQDSRNYGWKVEETVKHDWDRMIEAVQNHIGSLNWGYRVALREKKVVYENAYGQFIGPHRIKATNNKGKE
KIYSAERFLIATGERPRYLGIPGDKEYCISSDDLFSLPYCPGKTLVVGASYVALECAGFLAGIGLDVTVMVRSILLRGFD
QDMANKIGEHMEEHGIKFIRQFVPIKVEQIEAGTPGRLRVVAQSTNSEEIIEGEYNTVMLAIGRDACTRKIGLETVGVKI
NEKTGKIPVTDEEQTNVPYIYAIGDILEDKVELTPVAIQAGRLLAQRLYAGSTVKCDYENVPTTVFTPLEYGACGLSEEK
AVEKFGEENIEVYHSYFWPLEWTIPSRDNNKCYAKIICNTKDNERVVGFHVLGPNAGEVTQGFAAALKCGLTKKQLDSTI
GIHPVCAEVFTTLSVTKRSGASILQAGCUG
;
_entity_poly.pdbx_strand_id   A,B
#
loop_
_chem_comp.id
_chem_comp.type
_chem_comp.name
_chem_comp.formula
AU non-polymer 'GOLD ION' 'Au 1'
FAD non-polymer 'FLAVIN-ADENINE DINUCLEOTIDE' 'C27 H33 N9 O15 P2'
#
# COMPACT_ATOMS: atom_id res chain seq x y z
N LYS A 20 9.35 -39.08 33.14
CA LYS A 20 8.45 -39.62 34.16
C LYS A 20 7.06 -38.99 34.05
N SER A 21 6.45 -38.71 35.19
CA SER A 21 5.14 -38.07 35.19
C SER A 21 5.25 -36.62 34.76
N TYR A 22 4.36 -36.22 33.87
CA TYR A 22 4.31 -34.85 33.36
C TYR A 22 2.90 -34.54 32.89
N ASP A 23 2.22 -33.63 33.57
CA ASP A 23 0.84 -33.31 33.23
C ASP A 23 0.71 -32.92 31.76
N TYR A 24 1.54 -31.97 31.32
CA TYR A 24 1.51 -31.49 29.96
C TYR A 24 2.92 -31.53 29.38
N ASP A 25 2.98 -31.60 28.06
CA ASP A 25 4.28 -31.56 27.42
C ASP A 25 4.83 -30.15 27.28
N LEU A 26 3.94 -29.16 27.14
CA LEU A 26 4.38 -27.78 26.98
C LEU A 26 3.41 -26.88 27.72
N ILE A 27 3.94 -26.07 28.62
CA ILE A 27 3.15 -25.07 29.33
C ILE A 27 3.58 -23.69 28.86
N ILE A 28 2.66 -22.96 28.28
CA ILE A 28 2.92 -21.61 27.80
C ILE A 28 2.33 -20.64 28.81
N ILE A 29 3.19 -19.86 29.45
CA ILE A 29 2.74 -18.87 30.42
C ILE A 29 2.55 -17.57 29.67
N GLY A 30 1.29 -17.16 29.51
CA GLY A 30 0.99 -15.95 28.78
C GLY A 30 0.27 -16.27 27.47
N GLY A 31 -0.89 -15.67 27.28
CA GLY A 31 -1.69 -15.99 26.11
C GLY A 31 -1.65 -14.87 25.08
N GLY A 32 -0.48 -14.26 24.92
CA GLY A 32 -0.31 -13.21 23.94
C GLY A 32 -0.17 -13.79 22.55
N SER A 33 0.23 -12.92 21.61
CA SER A 33 0.38 -13.36 20.24
C SER A 33 1.33 -14.55 20.14
N GLY A 34 2.56 -14.37 20.64
CA GLY A 34 3.54 -15.45 20.53
C GLY A 34 3.12 -16.70 21.25
N GLY A 35 2.62 -16.54 22.48
CA GLY A 35 2.18 -17.70 23.23
C GLY A 35 1.12 -18.50 22.52
N LEU A 36 0.08 -17.82 22.02
CA LEU A 36 -0.99 -18.53 21.36
C LEU A 36 -0.52 -19.16 20.06
N ALA A 37 0.37 -18.47 19.33
CA ALA A 37 0.89 -19.05 18.10
C ALA A 37 1.62 -20.35 18.39
N ALA A 38 2.51 -20.33 19.38
CA ALA A 38 3.26 -21.53 19.72
C ALA A 38 2.34 -22.64 20.22
N ALA A 39 1.32 -22.28 21.00
CA ALA A 39 0.38 -23.28 21.49
C ALA A 39 -0.32 -23.97 20.33
N LYS A 40 -0.89 -23.18 19.40
CA LYS A 40 -1.58 -23.77 18.26
C LYS A 40 -0.65 -24.66 17.46
N GLU A 41 0.59 -24.22 17.26
CA GLU A 41 1.47 -25.02 16.41
C GLU A 41 1.91 -26.30 17.09
N ALA A 42 2.27 -26.24 18.38
CA ALA A 42 2.63 -27.46 19.09
C ALA A 42 1.45 -28.41 19.18
N ALA A 43 0.24 -27.87 19.30
CA ALA A 43 -0.93 -28.73 19.27
C ALA A 43 -1.12 -29.38 17.92
N GLN A 44 -0.71 -28.70 16.85
CA GLN A 44 -0.80 -29.30 15.53
C GLN A 44 -0.08 -30.64 15.44
N TYR A 45 0.88 -30.90 16.32
CA TYR A 45 1.65 -32.14 16.27
C TYR A 45 1.30 -33.08 17.42
N GLY A 46 0.06 -33.02 17.89
CA GLY A 46 -0.41 -34.00 18.84
C GLY A 46 0.23 -33.96 20.20
N LYS A 47 0.84 -32.85 20.58
CA LYS A 47 1.43 -32.72 21.90
C LYS A 47 0.43 -32.09 22.87
N LYS A 48 0.49 -32.53 24.12
CA LYS A 48 -0.36 -31.97 25.17
C LYS A 48 0.17 -30.60 25.56
N VAL A 49 -0.67 -29.58 25.48
CA VAL A 49 -0.23 -28.20 25.69
C VAL A 49 -1.25 -27.46 26.53
N MET A 50 -0.77 -26.65 27.47
CA MET A 50 -1.65 -25.84 28.31
C MET A 50 -1.18 -24.40 28.33
N VAL A 51 -2.12 -23.46 28.23
CA VAL A 51 -1.83 -22.04 28.19
C VAL A 51 -2.40 -21.37 29.43
N LEU A 52 -1.57 -20.62 30.14
CA LEU A 52 -1.98 -19.83 31.29
C LEU A 52 -2.00 -18.35 30.90
N ASP A 53 -3.17 -17.74 30.92
CA ASP A 53 -3.26 -16.32 30.62
C ASP A 53 -4.07 -15.61 31.68
N PHE A 54 -3.52 -14.52 32.19
CA PHE A 54 -4.16 -13.76 33.26
C PHE A 54 -3.66 -12.33 33.18
N VAL A 55 -4.58 -11.39 33.09
CA VAL A 55 -4.25 -9.98 32.94
C VAL A 55 -4.45 -9.30 34.29
N THR A 56 -3.35 -8.96 34.95
CA THR A 56 -3.46 -8.19 36.18
C THR A 56 -4.10 -6.86 35.84
N PRO A 57 -5.08 -6.41 36.61
CA PRO A 57 -5.81 -5.20 36.23
C PRO A 57 -4.95 -3.96 36.31
N THR A 58 -5.34 -2.96 35.52
CA THR A 58 -4.68 -1.66 35.55
C THR A 58 -4.95 -1.00 36.90
N PRO A 59 -4.09 -0.06 37.32
CA PRO A 59 -4.36 0.70 38.54
C PRO A 59 -5.80 1.20 38.63
N LEU A 60 -6.34 1.65 37.50
CA LEU A 60 -7.73 2.08 37.48
C LEU A 60 -8.70 0.90 37.59
N GLY A 61 -8.31 -0.27 37.11
CA GLY A 61 -9.16 -1.44 37.17
C GLY A 61 -9.56 -2.03 35.83
N THR A 62 -8.99 -1.56 34.71
CA THR A 62 -9.36 -2.06 33.40
C THR A 62 -8.78 -3.45 33.17
N ARG A 63 -9.60 -4.37 32.67
CA ARG A 63 -9.18 -5.72 32.35
C ARG A 63 -9.74 -6.10 31.00
N TRP A 64 -9.14 -7.13 30.39
CA TRP A 64 -9.53 -7.56 29.06
C TRP A 64 -9.38 -9.07 28.96
N GLY A 65 -9.81 -9.61 27.83
CA GLY A 65 -9.92 -11.05 27.67
C GLY A 65 -8.63 -11.69 27.19
N LEU A 66 -8.78 -12.86 26.58
CA LEU A 66 -7.67 -13.56 25.96
C LEU A 66 -7.18 -12.80 24.74
N GLY A 67 -5.95 -13.10 24.34
CA GLY A 67 -5.34 -12.57 23.14
C GLY A 67 -4.13 -11.70 23.39
N GLY A 68 -4.03 -11.10 24.56
CA GLY A 68 -2.85 -10.34 24.88
C GLY A 68 -2.88 -8.91 24.39
N THR A 69 -1.68 -8.33 24.38
CA THR A 69 -1.52 -6.90 24.22
C THR A 69 -1.91 -6.46 22.81
N CYS A 70 -1.37 -7.12 21.80
CA CYS A 70 -1.66 -6.73 20.42
C CYS A 70 -3.16 -6.69 20.19
N VAL A 71 -3.84 -7.82 20.43
CA VAL A 71 -5.25 -7.92 20.11
C VAL A 71 -6.06 -6.94 20.93
N ASN A 72 -5.84 -6.91 22.24
CA ASN A 72 -6.78 -6.21 23.11
C ASN A 72 -6.47 -4.74 23.31
N VAL A 73 -5.20 -4.36 23.39
CA VAL A 73 -4.86 -3.02 23.83
C VAL A 73 -3.78 -2.41 22.93
N GLY A 74 -3.57 -2.99 21.76
CA GLY A 74 -2.36 -2.69 21.03
C GLY A 74 -2.56 -2.53 19.54
N CYS A 75 -1.83 -3.33 18.76
CA CYS A 75 -1.86 -3.25 17.30
C CYS A 75 -3.26 -2.98 16.77
N ILE A 76 -4.23 -3.80 17.15
CA ILE A 76 -5.54 -3.78 16.51
C ILE A 76 -6.30 -2.50 16.83
N PRO A 77 -6.62 -2.18 18.09
CA PRO A 77 -7.41 -0.97 18.31
C PRO A 77 -6.68 0.28 17.89
N LYS A 78 -5.36 0.28 17.98
CA LYS A 78 -4.61 1.44 17.53
C LYS A 78 -4.77 1.63 16.02
N LYS A 79 -4.72 0.54 15.27
CA LYS A 79 -4.97 0.64 13.84
C LYS A 79 -6.40 1.10 13.56
N LEU A 80 -7.37 0.62 14.34
CA LEU A 80 -8.75 1.01 14.09
C LEU A 80 -8.97 2.49 14.36
N MET A 81 -8.44 3.01 15.46
CA MET A 81 -8.60 4.43 15.72
C MET A 81 -7.83 5.25 14.70
N HIS A 82 -6.66 4.77 14.26
CA HIS A 82 -5.98 5.46 13.17
C HIS A 82 -6.84 5.49 11.94
N GLN A 83 -7.57 4.42 11.68
CA GLN A 83 -8.48 4.39 10.54
C GLN A 83 -9.60 5.41 10.72
N ALA A 84 -10.06 5.58 11.95
CA ALA A 84 -11.07 6.61 12.23
C ALA A 84 -10.53 8.00 11.92
N ALA A 85 -9.30 8.27 12.32
CA ALA A 85 -8.68 9.55 11.98
C ALA A 85 -8.54 9.71 10.48
N LEU A 86 -8.09 8.65 9.80
CA LEU A 86 -7.94 8.72 8.36
C LEU A 86 -9.28 8.96 7.67
N LEU A 87 -10.35 8.37 8.21
CA LEU A 87 -11.66 8.64 7.64
C LEU A 87 -12.12 10.06 7.92
N GLY A 88 -11.68 10.65 9.03
CA GLY A 88 -11.91 12.07 9.23
C GLY A 88 -11.27 12.89 8.13
N GLN A 89 -10.00 12.60 7.85
CA GLN A 89 -9.32 13.32 6.77
C GLN A 89 -9.97 13.03 5.43
N ALA A 90 -10.50 11.82 5.25
CA ALA A 90 -11.21 11.50 4.02
C ALA A 90 -12.52 12.29 3.90
N LEU A 91 -13.24 12.42 5.01
CA LEU A 91 -14.43 13.28 5.02
C LEU A 91 -14.07 14.68 4.59
N GLN A 92 -12.97 15.21 5.10
CA GLN A 92 -12.52 16.53 4.68
C GLN A 92 -12.20 16.55 3.19
N ASP A 93 -11.48 15.53 2.72
CA ASP A 93 -11.05 15.50 1.32
C ASP A 93 -12.24 15.41 0.36
N SER A 94 -13.28 14.70 0.78
CA SER A 94 -14.34 14.34 -0.16
C SER A 94 -15.02 15.56 -0.76
N ARG A 95 -14.97 16.70 -0.08
CA ARG A 95 -15.63 17.89 -0.59
C ARG A 95 -15.12 18.27 -1.98
N ASN A 96 -13.80 18.35 -2.13
CA ASN A 96 -13.26 18.75 -3.42
C ASN A 96 -13.54 17.75 -4.52
N TYR A 97 -13.74 16.48 -4.18
CA TYR A 97 -14.01 15.48 -5.20
C TYR A 97 -15.46 15.46 -5.66
N GLY A 98 -16.32 16.30 -5.09
CA GLY A 98 -17.68 16.44 -5.57
C GLY A 98 -18.76 15.90 -4.67
N TRP A 99 -18.41 15.35 -3.52
CA TRP A 99 -19.41 14.89 -2.56
C TRP A 99 -19.91 16.06 -1.74
N LYS A 100 -21.23 16.11 -1.51
CA LYS A 100 -21.85 17.23 -0.81
C LYS A 100 -21.94 16.89 0.67
N VAL A 101 -20.84 17.10 1.37
CA VAL A 101 -20.73 16.84 2.79
C VAL A 101 -20.68 18.16 3.54
N GLU A 102 -21.41 18.23 4.64
CA GLU A 102 -21.43 19.42 5.48
C GLU A 102 -20.03 19.82 5.89
N GLU A 103 -19.82 21.13 6.02
CA GLU A 103 -18.48 21.68 6.20
C GLU A 103 -17.72 21.05 7.37
N THR A 104 -18.37 20.91 8.52
CA THR A 104 -17.71 20.38 9.70
C THR A 104 -18.56 19.26 10.28
N VAL A 105 -17.94 18.10 10.47
CA VAL A 105 -18.62 16.93 11.03
C VAL A 105 -18.01 16.59 12.39
N LYS A 106 -18.87 16.33 13.36
CA LYS A 106 -18.44 16.04 14.72
C LYS A 106 -18.23 14.55 14.91
N HIS A 107 -17.40 14.20 15.89
CA HIS A 107 -17.03 12.82 16.15
C HIS A 107 -17.55 12.38 17.51
N ASP A 108 -18.07 11.15 17.56
CA ASP A 108 -18.67 10.58 18.77
C ASP A 108 -17.72 9.53 19.32
N TRP A 109 -17.10 9.84 20.46
CA TRP A 109 -16.14 8.92 21.05
C TRP A 109 -16.80 7.61 21.48
N ASP A 110 -17.98 7.70 22.08
CA ASP A 110 -18.61 6.51 22.65
C ASP A 110 -18.90 5.47 21.58
N ARG A 111 -19.40 5.90 20.42
CA ARG A 111 -19.70 4.94 19.37
C ARG A 111 -18.43 4.27 18.86
N MET A 112 -17.37 5.05 18.67
CA MET A 112 -16.12 4.48 18.18
C MET A 112 -15.60 3.45 19.15
N ILE A 113 -15.66 3.75 20.45
CA ILE A 113 -15.23 2.81 21.46
C ILE A 113 -16.09 1.55 21.42
N GLU A 114 -17.40 1.72 21.27
CA GLU A 114 -18.28 0.56 21.20
C GLU A 114 -17.90 -0.36 20.05
N ALA A 115 -17.67 0.23 18.88
CA ALA A 115 -17.32 -0.59 17.72
C ALA A 115 -16.00 -1.30 17.92
N VAL A 116 -14.98 -0.57 18.35
CA VAL A 116 -13.67 -1.18 18.55
C VAL A 116 -13.77 -2.30 19.57
N GLN A 117 -14.40 -2.03 20.71
CA GLN A 117 -14.49 -3.05 21.76
C GLN A 117 -15.29 -4.24 21.30
N ASN A 118 -16.30 -4.04 20.45
CA ASN A 118 -17.03 -5.18 19.91
C ASN A 118 -16.12 -6.07 19.09
N HIS A 119 -15.32 -5.47 18.20
CA HIS A 119 -14.41 -6.29 17.41
C HIS A 119 -13.39 -7.00 18.29
N ILE A 120 -12.89 -6.31 19.32
CA ILE A 120 -11.94 -6.95 20.23
C ILE A 120 -12.58 -8.13 20.93
N GLY A 121 -13.83 -7.98 21.37
CA GLY A 121 -14.54 -9.11 21.94
C GLY A 121 -14.65 -10.26 20.96
N SER A 122 -14.91 -9.95 19.69
CA SER A 122 -15.01 -11.01 18.70
C SER A 122 -13.69 -11.74 18.52
N LEU A 123 -12.58 -11.00 18.57
CA LEU A 123 -11.28 -11.65 18.45
C LEU A 123 -10.97 -12.51 19.68
N ASN A 124 -11.28 -12.01 20.87
CA ASN A 124 -11.13 -12.81 22.08
C ASN A 124 -11.87 -14.13 21.95
N TRP A 125 -13.13 -14.06 21.53
CA TRP A 125 -13.92 -15.27 21.37
C TRP A 125 -13.33 -16.17 20.30
N GLY A 126 -12.89 -15.59 19.18
CA GLY A 126 -12.24 -16.39 18.15
C GLY A 126 -11.06 -17.17 18.66
N TYR A 127 -10.19 -16.50 19.43
CA TYR A 127 -9.03 -17.19 19.96
C TYR A 127 -9.44 -18.30 20.93
N ARG A 128 -10.41 -18.04 21.80
CA ARG A 128 -10.83 -19.08 22.72
C ARG A 128 -11.37 -20.29 21.98
N VAL A 129 -12.16 -20.05 20.93
CA VAL A 129 -12.71 -21.15 20.15
C VAL A 129 -11.59 -21.91 19.46
N ALA A 130 -10.64 -21.19 18.85
CA ALA A 130 -9.50 -21.83 18.21
C ALA A 130 -8.76 -22.74 19.18
N LEU A 131 -8.49 -22.25 20.40
CA LEU A 131 -7.79 -23.06 21.38
C LEU A 131 -8.59 -24.30 21.76
N ARG A 132 -9.91 -24.16 21.93
CA ARG A 132 -10.71 -25.35 22.24
C ARG A 132 -10.70 -26.34 21.08
N GLU A 133 -10.67 -25.84 19.84
CA GLU A 133 -10.73 -26.73 18.69
C GLU A 133 -9.45 -27.53 18.51
N LYS A 134 -8.30 -26.93 18.80
CA LYS A 134 -7.03 -27.63 18.67
C LYS A 134 -6.69 -28.46 19.90
N LYS A 135 -7.63 -28.61 20.83
CA LYS A 135 -7.45 -29.42 22.04
C LYS A 135 -6.38 -28.84 22.96
N VAL A 136 -6.39 -27.52 23.12
CA VAL A 136 -5.42 -26.83 23.97
C VAL A 136 -6.15 -26.32 25.21
N VAL A 137 -5.70 -26.77 26.37
CA VAL A 137 -6.35 -26.42 27.62
C VAL A 137 -6.01 -24.97 27.96
N TYR A 138 -7.03 -24.14 28.13
CA TYR A 138 -6.87 -22.75 28.50
C TYR A 138 -7.35 -22.55 29.94
N GLU A 139 -6.47 -22.03 30.79
CA GLU A 139 -6.76 -21.83 32.21
C GLU A 139 -6.52 -20.38 32.55
N ASN A 140 -7.59 -19.67 32.91
CA ASN A 140 -7.47 -18.25 33.23
C ASN A 140 -6.87 -18.09 34.63
N ALA A 141 -5.56 -18.32 34.70
CA ALA A 141 -4.86 -18.30 35.98
C ALA A 141 -3.49 -17.67 35.83
N TYR A 142 -3.04 -17.03 36.89
CA TYR A 142 -1.74 -16.37 36.92
C TYR A 142 -0.67 -17.42 37.18
N GLY A 143 0.29 -17.53 36.29
CA GLY A 143 1.35 -18.51 36.41
C GLY A 143 2.47 -18.05 37.33
N GLN A 144 3.13 -19.02 37.95
CA GLN A 144 4.21 -18.72 38.88
C GLN A 144 5.05 -19.98 39.10
N PHE A 145 6.33 -19.89 38.81
CA PHE A 145 7.24 -21.01 39.08
C PHE A 145 7.44 -21.19 40.57
N ILE A 146 7.37 -22.43 41.02
CA ILE A 146 7.72 -22.78 42.39
C ILE A 146 8.89 -23.74 42.48
N GLY A 147 9.16 -24.51 41.44
CA GLY A 147 10.25 -25.45 41.45
C GLY A 147 10.46 -26.07 40.09
N PRO A 148 11.54 -26.86 39.95
CA PRO A 148 11.86 -27.47 38.66
C PRO A 148 10.69 -28.19 38.03
N HIS A 149 10.33 -27.79 36.80
CA HIS A 149 9.27 -28.41 36.01
C HIS A 149 7.91 -28.32 36.68
N ARG A 150 7.74 -27.47 37.69
CA ARG A 150 6.48 -27.32 38.36
C ARG A 150 6.12 -25.85 38.50
N ILE A 151 4.82 -25.56 38.42
CA ILE A 151 4.29 -24.21 38.45
C ILE A 151 3.01 -24.14 39.25
N LYS A 152 2.74 -22.95 39.77
CA LYS A 152 1.58 -22.68 40.61
C LYS A 152 0.67 -21.70 39.88
N ALA A 153 -0.61 -22.05 39.79
CA ALA A 153 -1.60 -21.28 39.04
C ALA A 153 -2.68 -20.79 40.01
N THR A 154 -2.89 -19.48 40.07
CA THR A 154 -3.87 -18.87 40.95
C THR A 154 -4.98 -18.25 40.11
N ASN A 155 -6.21 -18.71 40.33
CA ASN A 155 -7.35 -18.18 39.59
C ASN A 155 -7.73 -16.79 40.10
N ASN A 156 -8.70 -16.19 39.42
CA ASN A 156 -9.19 -14.87 39.81
C ASN A 156 -9.67 -14.88 41.25
N LYS A 157 -10.43 -15.92 41.62
CA LYS A 157 -11.02 -16.00 42.95
C LYS A 157 -9.98 -16.22 44.05
N GLY A 158 -8.81 -16.74 43.70
CA GLY A 158 -7.75 -17.00 44.66
C GLY A 158 -7.38 -18.46 44.80
N LYS A 159 -8.09 -19.39 44.15
CA LYS A 159 -7.79 -20.80 44.29
C LYS A 159 -6.48 -21.14 43.59
N GLU A 160 -5.70 -22.01 44.22
CA GLU A 160 -4.41 -22.41 43.69
C GLU A 160 -4.44 -23.85 43.18
N LYS A 161 -3.68 -24.10 42.12
CA LYS A 161 -3.47 -25.43 41.55
C LYS A 161 -2.01 -25.56 41.17
N ILE A 162 -1.52 -26.80 41.09
CA ILE A 162 -0.13 -27.08 40.71
C ILE A 162 -0.12 -27.83 39.41
N TYR A 163 0.88 -27.54 38.56
CA TYR A 163 1.04 -28.23 37.29
C TYR A 163 2.50 -28.59 37.04
N SER A 164 2.72 -29.65 36.29
CA SER A 164 4.05 -30.10 35.90
C SER A 164 4.13 -30.21 34.38
N ALA A 165 5.34 -30.02 33.84
CA ALA A 165 5.51 -30.06 32.39
C ALA A 165 6.94 -30.40 32.03
N GLU A 166 7.10 -30.96 30.82
CA GLU A 166 8.44 -31.21 30.32
C GLU A 166 9.11 -29.94 29.83
N ARG A 167 8.34 -29.06 29.19
CA ARG A 167 8.91 -27.83 28.63
C ARG A 167 8.01 -26.65 28.94
N PHE A 168 8.65 -25.49 29.11
CA PHE A 168 7.97 -24.26 29.49
C PHE A 168 8.32 -23.16 28.52
N LEU A 169 7.34 -22.34 28.21
CA LEU A 169 7.50 -21.23 27.30
C LEU A 169 7.08 -19.96 28.01
N ILE A 170 8.06 -19.11 28.33
CA ILE A 170 7.76 -17.83 28.95
C ILE A 170 7.41 -16.85 27.85
N ALA A 171 6.16 -16.40 27.84
CA ALA A 171 5.66 -15.47 26.84
C ALA A 171 4.93 -14.34 27.54
N THR A 172 5.58 -13.79 28.56
CA THR A 172 4.90 -12.98 29.56
C THR A 172 4.70 -11.54 29.15
N GLY A 173 5.41 -11.06 28.13
CA GLY A 173 5.10 -9.72 27.68
C GLY A 173 5.41 -8.63 28.69
N GLU A 174 4.94 -7.43 28.38
CA GLU A 174 5.32 -6.23 29.12
C GLU A 174 4.06 -5.48 29.53
N ARG A 175 4.25 -4.53 30.44
CA ARG A 175 3.17 -3.68 30.92
C ARG A 175 3.66 -2.24 30.98
N PRO A 176 2.76 -1.27 30.86
CA PRO A 176 3.18 0.13 30.76
C PRO A 176 3.97 0.58 31.99
N ARG A 177 4.94 1.45 31.76
CA ARG A 177 5.76 2.02 32.81
C ARG A 177 5.16 3.35 33.26
N TYR A 178 5.34 3.65 34.55
CA TYR A 178 4.84 4.88 35.14
C TYR A 178 5.99 5.73 35.65
N LEU A 179 5.83 7.04 35.58
CA LEU A 179 6.75 7.94 36.26
C LEU A 179 6.62 7.77 37.76
N GLY A 180 7.74 7.87 38.46
CA GLY A 180 7.71 7.78 39.91
C GLY A 180 7.28 9.06 40.57
N ILE A 181 6.22 9.68 40.03
CA ILE A 181 5.77 10.98 40.53
C ILE A 181 4.42 10.79 41.23
N PRO A 182 4.06 11.66 42.16
CA PRO A 182 2.78 11.51 42.87
C PRO A 182 1.61 11.75 41.92
N GLY A 183 0.56 10.94 42.08
CA GLY A 183 -0.66 11.13 41.36
C GLY A 183 -0.76 10.36 40.06
N ASP A 184 0.33 9.75 39.61
CA ASP A 184 0.32 9.06 38.32
C ASP A 184 -0.68 7.92 38.30
N LYS A 185 -0.65 7.07 39.33
CA LYS A 185 -1.37 5.80 39.25
C LYS A 185 -2.87 6.00 39.39
N GLU A 186 -3.31 6.99 40.16
CA GLU A 186 -4.75 7.16 40.34
C GLU A 186 -5.36 8.18 39.40
N TYR A 187 -4.57 9.07 38.81
CA TYR A 187 -5.12 10.10 37.93
C TYR A 187 -4.74 9.97 36.47
N CYS A 188 -3.62 9.32 36.14
CA CYS A 188 -3.24 9.20 34.74
C CYS A 188 -3.70 7.86 34.18
N ILE A 189 -3.85 7.83 32.86
CA ILE A 189 -4.21 6.63 32.13
C ILE A 189 -3.02 6.25 31.26
N SER A 190 -2.99 4.99 30.86
CA SER A 190 -1.95 4.48 29.99
C SER A 190 -2.59 3.97 28.71
N SER A 191 -1.75 3.46 27.80
CA SER A 191 -2.29 2.79 26.63
C SER A 191 -3.28 1.72 27.02
N ASP A 192 -3.07 1.10 28.18
CA ASP A 192 -3.97 0.05 28.65
C ASP A 192 -5.42 0.55 28.73
N ASP A 193 -5.61 1.78 29.21
CA ASP A 193 -6.96 2.26 29.50
C ASP A 193 -7.60 2.98 28.34
N LEU A 194 -6.81 3.63 27.47
CA LEU A 194 -7.36 4.57 26.51
C LEU A 194 -8.37 3.90 25.58
N PHE A 195 -8.02 2.73 25.05
CA PHE A 195 -8.84 2.11 24.01
C PHE A 195 -10.13 1.51 24.56
N SER A 196 -10.36 1.61 25.86
CA SER A 196 -11.64 1.24 26.46
C SER A 196 -12.17 2.35 27.36
N LEU A 197 -11.66 3.55 27.20
CA LEU A 197 -12.09 4.68 28.02
C LEU A 197 -13.58 4.94 27.80
N PRO A 198 -14.38 4.94 28.86
CA PRO A 198 -15.83 5.11 28.70
C PRO A 198 -16.28 6.55 28.54
N TYR A 199 -15.38 7.51 28.32
CA TYR A 199 -15.80 8.89 28.11
C TYR A 199 -14.79 9.59 27.23
N CYS A 200 -15.22 10.69 26.62
CA CYS A 200 -14.34 11.42 25.72
C CYS A 200 -13.20 12.05 26.52
N PRO A 201 -11.95 11.85 26.12
CA PRO A 201 -10.84 12.39 26.92
C PRO A 201 -10.71 13.90 26.84
N GLY A 202 -11.40 14.56 25.91
CA GLY A 202 -11.26 16.01 25.84
C GLY A 202 -9.82 16.40 25.56
N LYS A 203 -9.42 17.54 26.13
CA LYS A 203 -8.03 17.93 26.04
C LYS A 203 -7.16 16.90 26.76
N THR A 204 -6.02 16.58 26.18
CA THR A 204 -5.21 15.47 26.68
C THR A 204 -3.73 15.82 26.62
N LEU A 205 -3.00 15.37 27.63
CA LEU A 205 -1.54 15.52 27.65
C LEU A 205 -0.89 14.15 27.55
N VAL A 206 -0.16 13.90 26.47
CA VAL A 206 0.52 12.63 26.25
C VAL A 206 1.99 12.82 26.60
N VAL A 207 2.46 12.08 27.60
CA VAL A 207 3.84 12.16 28.07
C VAL A 207 4.64 11.05 27.42
N GLY A 208 5.72 11.42 26.74
CA GLY A 208 6.60 10.45 26.12
C GLY A 208 6.75 10.70 24.64
N ALA A 209 7.72 10.01 24.06
CA ALA A 209 7.96 10.11 22.62
C ALA A 209 8.20 8.75 22.00
N SER A 210 7.73 7.68 22.65
CA SER A 210 7.79 6.39 21.99
C SER A 210 6.75 6.34 20.88
N TYR A 211 6.88 5.35 20.00
CA TYR A 211 6.00 5.29 18.84
C TYR A 211 4.54 5.24 19.27
N VAL A 212 4.26 4.60 20.40
CA VAL A 212 2.90 4.59 20.92
C VAL A 212 2.45 6.01 21.25
N ALA A 213 3.35 6.82 21.81
CA ALA A 213 3.00 8.18 22.17
C ALA A 213 2.54 8.97 20.95
N LEU A 214 3.33 8.91 19.87
CA LEU A 214 2.97 9.67 18.67
C LEU A 214 1.74 9.09 18.00
N GLU A 215 1.59 7.76 17.99
CA GLU A 215 0.38 7.19 17.41
C GLU A 215 -0.86 7.70 18.11
N CYS A 216 -0.89 7.62 19.45
CA CYS A 216 -2.07 8.02 20.19
C CYS A 216 -2.30 9.52 20.06
N ALA A 217 -1.24 10.32 20.19
CA ALA A 217 -1.38 11.75 19.97
C ALA A 217 -1.98 12.04 18.61
N GLY A 218 -1.44 11.42 17.56
CA GLY A 218 -1.90 11.72 16.22
C GLY A 218 -3.37 11.41 16.03
N PHE A 219 -3.80 10.22 16.42
CA PHE A 219 -5.18 9.93 16.10
C PHE A 219 -6.14 10.60 17.08
N LEU A 220 -5.70 10.93 18.29
CA LEU A 220 -6.53 11.79 19.14
C LEU A 220 -6.68 13.17 18.53
N ALA A 221 -5.63 13.67 17.88
CA ALA A 221 -5.77 14.96 17.21
C ALA A 221 -6.68 14.85 16.00
N GLY A 222 -6.60 13.75 15.27
CA GLY A 222 -7.40 13.61 14.07
C GLY A 222 -8.89 13.62 14.34
N ILE A 223 -9.32 13.05 15.47
CA ILE A 223 -10.75 13.07 15.78
C ILE A 223 -11.20 14.39 16.37
N GLY A 224 -10.33 15.39 16.39
CA GLY A 224 -10.73 16.75 16.72
C GLY A 224 -10.42 17.21 18.12
N LEU A 225 -9.73 16.41 18.93
CA LEU A 225 -9.42 16.82 20.28
C LEU A 225 -8.17 17.69 20.30
N ASP A 226 -8.02 18.45 21.39
CA ASP A 226 -6.83 19.25 21.63
C ASP A 226 -5.82 18.38 22.37
N VAL A 227 -4.68 18.12 21.75
CA VAL A 227 -3.68 17.21 22.31
C VAL A 227 -2.37 17.96 22.45
N THR A 228 -1.63 17.67 23.52
CA THR A 228 -0.28 18.19 23.69
C THR A 228 0.67 17.05 24.03
N VAL A 229 1.81 17.03 23.37
CA VAL A 229 2.81 15.98 23.54
C VAL A 229 3.98 16.58 24.29
N MET A 230 4.34 15.98 25.41
CA MET A 230 5.44 16.45 26.23
C MET A 230 6.58 15.46 26.17
N VAL A 231 7.72 15.89 25.63
CA VAL A 231 8.83 15.01 25.31
C VAL A 231 9.99 15.33 26.23
N ARG A 232 10.79 14.32 26.55
CA ARG A 232 11.96 14.54 27.38
C ARG A 232 13.12 15.08 26.57
N SER A 233 13.71 14.26 25.69
CA SER A 233 14.80 14.81 24.90
C SER A 233 14.52 14.79 23.40
N ILE A 234 14.34 13.60 22.82
CA ILE A 234 14.18 13.44 21.38
C ILE A 234 12.93 12.62 21.08
N LEU A 235 12.46 12.74 19.84
CA LEU A 235 11.37 11.91 19.36
C LEU A 235 11.87 10.56 18.89
N LEU A 236 11.09 9.52 19.15
CA LEU A 236 11.26 8.20 18.54
C LEU A 236 12.70 7.70 18.66
N ARG A 237 13.16 7.54 19.89
CA ARG A 237 14.48 6.98 20.09
C ARG A 237 14.54 5.59 19.49
N GLY A 238 15.64 5.30 18.80
CA GLY A 238 15.83 4.06 18.08
C GLY A 238 15.52 4.14 16.60
N PHE A 239 14.58 4.99 16.21
CA PHE A 239 14.24 5.18 14.81
C PHE A 239 15.15 6.25 14.20
N ASP A 240 15.19 6.27 12.87
CA ASP A 240 15.99 7.26 12.17
C ASP A 240 15.59 8.67 12.59
N GLN A 241 16.57 9.43 13.07
CA GLN A 241 16.26 10.73 13.64
C GLN A 241 15.80 11.73 12.60
N ASP A 242 16.29 11.65 11.37
CA ASP A 242 15.81 12.58 10.34
C ASP A 242 14.33 12.37 10.08
N MET A 243 13.92 11.12 9.91
CA MET A 243 12.50 10.84 9.71
C MET A 243 11.70 11.20 10.96
N ALA A 244 12.26 10.93 12.14
CA ALA A 244 11.58 11.30 13.38
C ALA A 244 11.31 12.79 13.43
N ASN A 245 12.32 13.60 13.10
CA ASN A 245 12.16 15.04 13.09
C ASN A 245 11.10 15.45 12.07
N LYS A 246 11.08 14.79 10.91
CA LYS A 246 10.08 15.13 9.90
C LYS A 246 8.68 14.83 10.41
N ILE A 247 8.51 13.68 11.08
CA ILE A 247 7.21 13.35 11.65
C ILE A 247 6.80 14.37 12.68
N GLY A 248 7.75 14.79 13.52
CA GLY A 248 7.46 15.83 14.49
C GLY A 248 7.00 17.11 13.83
N GLU A 249 7.70 17.53 12.78
CA GLU A 249 7.32 18.74 12.07
C GLU A 249 5.90 18.62 11.50
N HIS A 250 5.60 17.49 10.87
CA HIS A 250 4.29 17.31 10.25
C HIS A 250 3.19 17.30 11.30
N MET A 251 3.41 16.60 12.41
CA MET A 251 2.42 16.58 13.48
C MET A 251 2.21 17.98 14.03
N GLU A 252 3.29 18.74 14.18
CA GLU A 252 3.17 20.09 14.71
C GLU A 252 2.38 20.98 13.77
N GLU A 253 2.57 20.82 12.47
CA GLU A 253 1.81 21.61 11.50
C GLU A 253 0.35 21.17 11.39
N HIS A 254 -0.03 20.07 12.04
CA HIS A 254 -1.41 19.61 12.04
C HIS A 254 -2.20 20.05 13.25
N GLY A 255 -1.61 20.83 14.15
CA GLY A 255 -2.30 21.35 15.31
C GLY A 255 -1.91 20.73 16.63
N ILE A 256 -1.08 19.69 16.63
CA ILE A 256 -0.58 19.15 17.89
C ILE A 256 0.48 20.09 18.44
N LYS A 257 0.47 20.29 19.74
CA LYS A 257 1.42 21.17 20.41
C LYS A 257 2.51 20.34 21.08
N PHE A 258 3.74 20.81 20.97
CA PHE A 258 4.90 20.12 21.53
C PHE A 258 5.56 20.99 22.58
N ILE A 259 5.80 20.41 23.76
CA ILE A 259 6.58 21.05 24.81
C ILE A 259 7.87 20.27 24.95
N ARG A 260 8.98 20.88 24.58
CA ARG A 260 10.26 20.19 24.47
C ARG A 260 11.03 20.27 25.78
N GLN A 261 11.68 19.17 26.14
CA GLN A 261 12.57 19.10 27.29
C GLN A 261 11.82 19.35 28.59
N PHE A 262 10.81 18.53 28.86
CA PHE A 262 10.06 18.62 30.10
C PHE A 262 9.60 17.24 30.56
N VAL A 263 9.58 17.04 31.87
CA VAL A 263 9.14 15.80 32.48
C VAL A 263 8.21 16.14 33.63
N PRO A 264 7.05 15.51 33.75
CA PRO A 264 6.13 15.89 34.83
C PRO A 264 6.71 15.52 36.18
N ILE A 265 6.48 16.38 37.17
CA ILE A 265 6.86 16.08 38.55
C ILE A 265 5.66 15.94 39.46
N LYS A 266 4.49 16.45 39.08
CA LYS A 266 3.34 16.14 39.91
C LYS A 266 2.05 16.32 39.12
N VAL A 267 1.09 15.45 39.39
CA VAL A 267 -0.24 15.49 38.79
C VAL A 267 -1.26 15.52 39.93
N GLU A 268 -2.09 16.56 39.96
CA GLU A 268 -3.04 16.72 41.05
C GLU A 268 -4.43 17.01 40.49
N GLN A 269 -5.44 16.40 41.11
CA GLN A 269 -6.80 16.45 40.59
C GLN A 269 -7.44 17.77 41.01
N ILE A 270 -7.87 18.56 40.02
CA ILE A 270 -8.61 19.79 40.31
C ILE A 270 -10.06 19.47 40.61
N GLU A 271 -10.68 18.65 39.77
CA GLU A 271 -12.08 18.28 39.91
C GLU A 271 -12.28 16.89 39.32
N ALA A 272 -13.00 16.04 40.04
CA ALA A 272 -13.32 14.72 39.50
C ALA A 272 -14.40 14.83 38.43
N GLY A 273 -14.43 13.84 37.54
CA GLY A 273 -15.45 13.81 36.51
C GLY A 273 -15.09 12.81 35.44
N THR A 274 -15.84 12.86 34.33
CA THR A 274 -15.65 11.94 33.21
C THR A 274 -15.74 12.71 31.91
N PRO A 275 -14.67 13.45 31.54
CA PRO A 275 -13.42 13.56 32.29
C PRO A 275 -13.47 14.64 33.35
N GLY A 276 -12.61 14.54 34.35
CA GLY A 276 -12.43 15.59 35.32
C GLY A 276 -11.47 16.65 34.79
N ARG A 277 -10.86 17.38 35.72
CA ARG A 277 -9.82 18.33 35.39
C ARG A 277 -8.61 18.05 36.27
N LEU A 278 -7.42 18.04 35.68
CA LEU A 278 -6.18 17.79 36.40
C LEU A 278 -5.18 18.89 36.09
N ARG A 279 -4.30 19.16 37.06
CA ARG A 279 -3.16 20.04 36.86
C ARG A 279 -1.89 19.22 36.85
N VAL A 280 -1.03 19.47 35.87
CA VAL A 280 0.28 18.84 35.80
C VAL A 280 1.33 19.93 35.92
N VAL A 281 2.21 19.77 36.90
CA VAL A 281 3.36 20.65 37.09
C VAL A 281 4.61 19.88 36.70
N ALA A 282 5.42 20.48 35.81
CA ALA A 282 6.58 19.83 35.23
C ALA A 282 7.78 20.76 35.25
N GLN A 283 8.96 20.16 35.33
CA GLN A 283 10.22 20.88 35.42
C GLN A 283 11.02 20.72 34.14
N SER A 284 11.81 21.73 33.82
CA SER A 284 12.71 21.63 32.68
C SER A 284 13.72 20.50 32.89
N THR A 285 14.34 20.10 31.80
CA THR A 285 15.39 19.10 31.86
C THR A 285 16.77 19.71 32.07
N ASN A 286 16.98 20.94 31.60
CA ASN A 286 18.29 21.59 31.67
C ASN A 286 18.30 22.82 32.58
N SER A 287 17.21 23.10 33.29
CA SER A 287 17.15 24.23 34.19
C SER A 287 16.15 23.92 35.29
N GLU A 288 15.88 24.91 36.13
CA GLU A 288 14.86 24.79 37.16
C GLU A 288 13.53 25.39 36.74
N GLU A 289 13.38 25.76 35.47
CA GLU A 289 12.15 26.39 35.03
C GLU A 289 10.99 25.42 35.14
N ILE A 290 9.92 25.86 35.78
CA ILE A 290 8.79 25.00 36.10
C ILE A 290 7.54 25.60 35.48
N ILE A 291 6.78 24.77 34.75
CA ILE A 291 5.56 25.21 34.11
C ILE A 291 4.41 24.30 34.53
N GLU A 292 3.22 24.88 34.53
CA GLU A 292 1.99 24.19 34.90
C GLU A 292 1.04 24.17 33.71
N GLY A 293 0.16 23.20 33.70
CA GLY A 293 -0.87 23.12 32.67
C GLY A 293 -2.07 22.42 33.23
N GLU A 294 -3.22 22.71 32.65
CA GLU A 294 -4.44 22.02 33.04
C GLU A 294 -4.94 21.19 31.86
N TYR A 295 -5.23 19.93 32.13
CA TYR A 295 -5.64 18.99 31.11
C TYR A 295 -6.81 18.16 31.64
N ASN A 296 -7.58 17.61 30.72
CA ASN A 296 -8.69 16.79 31.16
C ASN A 296 -8.24 15.38 31.52
N THR A 297 -7.31 14.82 30.74
CA THR A 297 -6.66 13.57 31.14
C THR A 297 -5.21 13.57 30.67
N VAL A 298 -4.39 12.82 31.40
CA VAL A 298 -2.97 12.71 31.12
C VAL A 298 -2.67 11.24 30.84
N MET A 299 -2.12 10.97 29.66
CA MET A 299 -1.78 9.63 29.21
C MET A 299 -0.27 9.45 29.26
N LEU A 300 0.17 8.39 29.92
CA LEU A 300 1.59 8.12 30.10
C LEU A 300 2.03 7.05 29.11
N ALA A 301 2.91 7.43 28.19
CA ALA A 301 3.39 6.53 27.15
C ALA A 301 4.91 6.50 27.11
N ILE A 302 5.55 6.27 28.25
CA ILE A 302 6.99 6.46 28.38
C ILE A 302 7.74 5.13 28.41
N GLY A 303 7.22 4.11 27.76
CA GLY A 303 7.90 2.84 27.66
C GLY A 303 7.16 1.73 28.36
N ARG A 304 7.77 0.54 28.32
CA ARG A 304 7.14 -0.66 28.85
C ARG A 304 8.17 -1.49 29.61
N ASP A 305 7.70 -2.12 30.68
CA ASP A 305 8.54 -2.88 31.60
C ASP A 305 8.17 -4.35 31.53
N ALA A 306 9.17 -5.22 31.54
CA ALA A 306 8.94 -6.65 31.47
C ALA A 306 8.24 -7.16 32.73
N CYS A 307 7.32 -8.09 32.54
CA CYS A 307 6.68 -8.79 33.66
C CYS A 307 7.41 -10.11 33.93
N THR A 308 8.70 -9.99 34.19
CA THR A 308 9.52 -11.14 34.52
C THR A 308 9.97 -11.15 35.97
N ARG A 309 9.63 -10.13 36.75
CA ARG A 309 10.02 -10.09 38.14
C ARG A 309 9.25 -11.09 38.97
N LYS A 310 7.93 -11.17 38.76
CA LYS A 310 7.03 -11.80 39.71
C LYS A 310 6.52 -13.17 39.25
N ILE A 311 7.30 -13.91 38.47
CA ILE A 311 6.91 -15.24 38.06
C ILE A 311 7.81 -16.30 38.69
N GLY A 312 8.59 -15.94 39.71
CA GLY A 312 9.35 -16.93 40.43
C GLY A 312 10.49 -17.56 39.66
N LEU A 313 11.13 -16.81 38.77
CA LEU A 313 12.22 -17.37 37.97
C LEU A 313 13.39 -17.85 38.85
N GLU A 314 13.46 -17.37 40.09
CA GLU A 314 14.54 -17.80 40.97
C GLU A 314 14.37 -19.28 41.38
N THR A 315 13.12 -19.71 41.57
CA THR A 315 12.87 -21.08 42.00
C THR A 315 13.29 -22.12 40.97
N VAL A 316 13.61 -21.70 39.74
CA VAL A 316 13.99 -22.65 38.70
C VAL A 316 15.36 -22.28 38.16
N GLY A 317 15.86 -21.11 38.54
CA GLY A 317 17.21 -20.73 38.20
C GLY A 317 17.40 -20.04 36.87
N VAL A 318 16.35 -19.45 36.30
CA VAL A 318 16.47 -18.75 35.03
C VAL A 318 17.21 -17.44 35.26
N LYS A 319 18.32 -17.25 34.55
CA LYS A 319 19.09 -16.02 34.68
C LYS A 319 18.47 -14.94 33.82
N ILE A 320 18.33 -13.74 34.39
CA ILE A 320 17.76 -12.61 33.68
C ILE A 320 18.69 -11.41 33.87
N ASN A 321 18.53 -10.43 33.00
CA ASN A 321 19.24 -9.16 33.15
C ASN A 321 18.51 -8.33 34.18
N GLU A 322 19.08 -8.24 35.39
CA GLU A 322 18.42 -7.56 36.50
C GLU A 322 18.18 -6.09 36.18
N LYS A 323 19.05 -5.46 35.40
CA LYS A 323 18.94 -4.04 35.14
C LYS A 323 17.70 -3.72 34.31
N THR A 324 17.47 -4.47 33.23
CA THR A 324 16.40 -4.19 32.31
C THR A 324 15.22 -5.14 32.43
N GLY A 325 15.40 -6.28 33.11
CA GLY A 325 14.35 -7.26 33.24
C GLY A 325 14.26 -8.25 32.10
N LYS A 326 14.96 -8.02 31.00
CA LYS A 326 14.91 -8.92 29.86
C LYS A 326 15.64 -10.22 30.19
N ILE A 327 15.29 -11.27 29.47
CA ILE A 327 15.89 -12.59 29.65
C ILE A 327 16.81 -12.85 28.46
N PRO A 328 18.10 -13.07 28.67
CA PRO A 328 18.96 -13.48 27.55
C PRO A 328 18.58 -14.86 27.05
N VAL A 329 18.68 -15.08 25.74
CA VAL A 329 18.30 -16.35 25.14
C VAL A 329 19.27 -16.67 24.02
N THR A 330 19.35 -17.96 23.68
CA THR A 330 20.12 -18.42 22.55
C THR A 330 19.39 -18.09 21.25
N ASP A 331 20.07 -18.28 20.12
CA ASP A 331 19.45 -18.06 18.82
C ASP A 331 18.38 -19.11 18.55
N GLU A 332 18.17 -20.02 19.50
CA GLU A 332 17.06 -20.96 19.44
C GLU A 332 16.01 -20.65 20.50
N GLU A 333 16.04 -19.43 21.06
CA GLU A 333 15.09 -18.97 22.06
C GLU A 333 15.19 -19.75 23.37
N GLN A 334 16.34 -20.36 23.62
CA GLN A 334 16.52 -21.19 24.81
C GLN A 334 17.24 -20.39 25.90
N THR A 335 16.71 -20.47 27.12
CA THR A 335 17.34 -19.83 28.27
C THR A 335 18.54 -20.65 28.73
N ASN A 336 19.18 -20.19 29.80
CA ASN A 336 20.28 -20.96 30.39
C ASN A 336 19.80 -22.28 30.97
N VAL A 337 18.52 -22.39 31.31
CA VAL A 337 17.93 -23.63 31.77
C VAL A 337 17.40 -24.37 30.55
N PRO A 338 17.87 -25.57 30.25
CA PRO A 338 17.58 -26.19 28.94
C PRO A 338 16.10 -26.28 28.60
N TYR A 339 15.24 -26.63 29.56
CA TYR A 339 13.85 -26.95 29.21
C TYR A 339 12.91 -25.75 29.27
N ILE A 340 13.40 -24.55 29.55
CA ILE A 340 12.57 -23.36 29.56
C ILE A 340 13.01 -22.44 28.44
N TYR A 341 12.06 -22.07 27.57
CA TYR A 341 12.31 -21.16 26.46
C TYR A 341 11.46 -19.91 26.63
N ALA A 342 11.98 -18.79 26.17
CA ALA A 342 11.27 -17.52 26.26
C ALA A 342 11.15 -16.91 24.87
N ILE A 343 9.99 -16.31 24.59
CA ILE A 343 9.75 -15.62 23.33
C ILE A 343 8.99 -14.34 23.63
N GLY A 344 8.96 -13.46 22.66
CA GLY A 344 8.25 -12.21 22.79
C GLY A 344 9.17 -11.05 23.11
N ASP A 345 8.55 -10.01 23.68
CA ASP A 345 9.29 -8.79 23.97
C ASP A 345 10.26 -8.95 25.12
N ILE A 346 10.02 -9.93 26.02
CA ILE A 346 10.85 -10.07 27.21
C ILE A 346 12.29 -10.39 26.85
N LEU A 347 12.55 -10.82 25.62
CA LEU A 347 13.90 -11.19 25.24
C LEU A 347 14.84 -9.99 25.20
N GLU A 348 16.12 -10.27 25.46
CA GLU A 348 17.15 -9.24 25.45
C GLU A 348 17.65 -8.99 24.05
N ASP A 349 17.71 -7.70 23.67
CA ASP A 349 18.29 -7.25 22.41
C ASP A 349 17.62 -7.92 21.20
N LYS A 350 16.30 -7.96 21.21
CA LYS A 350 15.56 -8.45 20.06
C LYS A 350 14.58 -7.35 19.66
N VAL A 351 13.65 -7.66 18.76
CA VAL A 351 12.73 -6.67 18.24
C VAL A 351 11.35 -6.94 18.80
N GLU A 352 10.74 -5.92 19.37
CA GLU A 352 9.50 -6.05 20.14
C GLU A 352 8.29 -5.76 19.24
N LEU A 353 8.06 -6.69 18.31
CA LEU A 353 6.93 -6.54 17.40
C LEU A 353 6.18 -7.86 17.31
N THR A 354 4.88 -7.73 17.11
CA THR A 354 3.99 -8.90 17.08
C THR A 354 4.35 -9.95 16.05
N PRO A 355 4.71 -9.61 14.81
CA PRO A 355 5.06 -10.67 13.86
C PRO A 355 6.35 -11.36 14.24
N VAL A 356 7.27 -10.68 14.90
CA VAL A 356 8.46 -11.33 15.41
C VAL A 356 8.09 -12.37 16.45
N ALA A 357 7.26 -11.99 17.41
CA ALA A 357 6.81 -12.95 18.41
C ALA A 357 6.11 -14.15 17.77
N ILE A 358 5.21 -13.88 16.82
CA ILE A 358 4.45 -14.98 16.22
C ILE A 358 5.37 -15.89 15.42
N GLN A 359 6.28 -15.31 14.64
CA GLN A 359 7.20 -16.12 13.86
C GLN A 359 8.12 -16.94 14.76
N ALA A 360 8.62 -16.33 15.83
CA ALA A 360 9.49 -17.05 16.75
C ALA A 360 8.74 -18.20 17.40
N GLY A 361 7.49 -17.97 17.79
CA GLY A 361 6.72 -19.05 18.39
C GLY A 361 6.49 -20.19 17.42
N ARG A 362 6.12 -19.85 16.18
CA ARG A 362 5.88 -20.89 15.18
C ARG A 362 7.14 -21.71 14.92
N LEU A 363 8.26 -21.03 14.71
CA LEU A 363 9.50 -21.73 14.42
C LEU A 363 9.98 -22.53 15.63
N LEU A 364 9.79 -22.00 16.83
CA LEU A 364 10.17 -22.74 18.02
C LEU A 364 9.37 -24.03 18.15
N ALA A 365 8.06 -23.96 17.92
CA ALA A 365 7.26 -25.17 17.99
C ALA A 365 7.70 -26.17 16.94
N GLN A 366 7.97 -25.70 15.72
CA GLN A 366 8.38 -26.62 14.67
C GLN A 366 9.74 -27.22 14.99
N ARG A 367 10.64 -26.45 15.61
CA ARG A 367 11.93 -27.01 15.99
C ARG A 367 11.78 -28.06 17.07
N LEU A 368 10.91 -27.81 18.05
CA LEU A 368 10.81 -28.73 19.18
C LEU A 368 10.11 -30.02 18.78
N TYR A 369 9.09 -29.93 17.93
CA TYR A 369 8.25 -31.09 17.67
C TYR A 369 8.09 -31.45 16.20
N ALA A 370 8.79 -30.77 15.30
CA ALA A 370 8.65 -31.12 13.88
C ALA A 370 10.01 -31.28 13.22
N GLY A 371 11.08 -31.45 13.98
CA GLY A 371 12.37 -31.75 13.43
C GLY A 371 12.97 -30.70 12.53
N SER A 372 12.36 -29.53 12.44
CA SER A 372 12.90 -28.46 11.61
C SER A 372 14.20 -27.93 12.20
N THR A 373 14.92 -27.15 11.40
CA THR A 373 16.14 -26.49 11.85
C THR A 373 16.13 -25.01 11.48
N VAL A 374 15.04 -24.52 10.90
CA VAL A 374 14.96 -23.13 10.49
C VAL A 374 14.83 -22.25 11.73
N LYS A 375 15.66 -21.24 11.83
CA LYS A 375 15.65 -20.32 12.95
C LYS A 375 14.94 -19.02 12.60
N CYS A 376 14.61 -18.25 13.64
CA CYS A 376 13.96 -16.96 13.44
C CYS A 376 15.01 -15.91 13.10
N ASP A 377 14.78 -15.19 12.02
CA ASP A 377 15.70 -14.15 11.58
C ASP A 377 15.21 -12.82 12.14
N TYR A 378 16.02 -12.22 13.02
CA TYR A 378 15.70 -10.95 13.63
C TYR A 378 16.37 -9.77 12.95
N GLU A 379 16.93 -9.97 11.76
CA GLU A 379 17.63 -8.92 11.05
C GLU A 379 16.73 -8.28 10.00
N ASN A 380 16.81 -6.95 9.89
CA ASN A 380 16.10 -6.19 8.87
C ASN A 380 14.59 -6.42 8.92
N VAL A 381 14.02 -6.42 10.12
CA VAL A 381 12.58 -6.62 10.26
C VAL A 381 11.91 -5.25 10.12
N PRO A 382 10.89 -5.14 9.28
CA PRO A 382 10.25 -3.83 9.08
C PRO A 382 9.38 -3.44 10.26
N THR A 383 9.09 -2.15 10.33
CA THR A 383 8.16 -1.61 11.30
C THR A 383 7.40 -0.46 10.66
N THR A 384 6.27 -0.11 11.26
CA THR A 384 5.51 1.05 10.83
C THR A 384 4.98 1.78 12.05
N VAL A 385 5.22 3.08 12.09
CA VAL A 385 4.64 3.96 13.10
C VAL A 385 3.46 4.65 12.45
N PHE A 386 2.27 4.44 13.00
CA PHE A 386 1.06 4.95 12.37
C PHE A 386 0.74 6.37 12.82
N THR A 387 1.69 7.27 12.69
CA THR A 387 1.44 8.68 12.94
C THR A 387 0.44 9.20 11.92
N PRO A 388 -0.07 10.44 12.09
CA PRO A 388 -0.93 11.02 11.04
C PRO A 388 -0.39 10.80 9.65
N LEU A 389 0.91 10.94 9.51
CA LEU A 389 1.64 10.57 8.31
C LEU A 389 2.40 9.28 8.59
N GLU A 390 1.98 8.19 7.96
CA GLU A 390 2.54 6.88 8.28
C GLU A 390 4.04 6.85 7.99
N TYR A 391 4.77 6.12 8.82
CA TYR A 391 6.22 6.01 8.67
C TYR A 391 6.60 4.55 8.63
N GLY A 392 7.10 4.08 7.50
CA GLY A 392 7.47 2.69 7.35
C GLY A 392 8.98 2.59 7.19
N ALA A 393 9.58 1.64 7.89
CA ALA A 393 11.02 1.54 7.90
C ALA A 393 11.44 0.08 7.83
N CYS A 394 12.59 -0.16 7.22
CA CYS A 394 13.15 -1.49 7.16
C CYS A 394 14.65 -1.40 7.02
N GLY A 395 15.36 -2.01 7.96
CA GLY A 395 16.81 -2.00 7.89
C GLY A 395 17.44 -0.90 8.72
N LEU A 396 18.63 -0.49 8.34
CA LEU A 396 19.42 0.40 9.17
C LEU A 396 18.94 1.83 9.05
N SER A 397 19.07 2.58 10.14
CA SER A 397 18.95 4.02 10.05
C SER A 397 20.16 4.59 9.33
N GLU A 398 20.06 5.87 8.98
CA GLU A 398 21.22 6.56 8.41
C GLU A 398 22.36 6.60 9.41
N GLU A 399 22.08 7.01 10.64
CA GLU A 399 23.11 7.08 11.67
C GLU A 399 23.77 5.72 11.88
N LYS A 400 22.95 4.69 12.08
CA LYS A 400 23.49 3.35 12.30
C LYS A 400 24.30 2.87 11.09
N ALA A 401 23.82 3.16 9.88
CA ALA A 401 24.54 2.76 8.68
C ALA A 401 25.91 3.43 8.60
N VAL A 402 25.95 4.74 8.87
CA VAL A 402 27.23 5.45 8.85
C VAL A 402 28.17 4.86 9.89
N GLU A 403 27.64 4.57 11.08
CA GLU A 403 28.43 3.91 12.12
C GLU A 403 29.01 2.61 11.61
N LYS A 404 28.20 1.80 10.92
CA LYS A 404 28.60 0.44 10.58
C LYS A 404 29.59 0.41 9.43
N PHE A 405 29.32 1.14 8.36
CA PHE A 405 30.10 1.03 7.13
C PHE A 405 31.00 2.21 6.83
N GLY A 406 30.80 3.35 7.49
CA GLY A 406 31.65 4.50 7.25
C GLY A 406 31.00 5.51 6.33
N GLU A 407 30.96 6.77 6.77
CA GLU A 407 30.31 7.84 6.03
C GLU A 407 30.66 7.80 4.55
N GLU A 408 31.95 7.63 4.24
CA GLU A 408 32.38 7.69 2.85
C GLU A 408 31.81 6.56 2.01
N ASN A 409 31.29 5.50 2.63
CA ASN A 409 30.81 4.35 1.89
C ASN A 409 29.29 4.31 1.78
N ILE A 410 28.59 5.31 2.31
CA ILE A 410 27.13 5.32 2.34
C ILE A 410 26.63 6.41 1.42
N GLU A 411 25.77 6.06 0.48
CA GLU A 411 25.09 7.04 -0.36
C GLU A 411 23.60 7.01 -0.03
N VAL A 412 23.04 8.18 0.17
CA VAL A 412 21.65 8.31 0.58
C VAL A 412 20.87 8.90 -0.58
N TYR A 413 20.07 8.08 -1.24
CA TYR A 413 19.19 8.57 -2.29
C TYR A 413 17.89 8.97 -1.63
N HIS A 414 17.37 10.13 -1.98
CA HIS A 414 16.13 10.55 -1.38
C HIS A 414 15.37 11.44 -2.33
N SER A 415 14.08 11.56 -2.07
CA SER A 415 13.23 12.43 -2.87
C SER A 415 11.94 12.71 -2.14
N TYR A 416 11.43 13.91 -2.33
CA TYR A 416 10.05 14.16 -2.00
C TYR A 416 9.17 13.61 -3.12
N PHE A 417 7.92 13.33 -2.78
CA PHE A 417 6.95 12.98 -3.80
C PHE A 417 5.58 13.44 -3.34
N TRP A 418 4.66 13.54 -4.28
CA TRP A 418 3.35 14.10 -4.00
C TRP A 418 2.28 13.09 -4.40
N PRO A 419 1.69 12.38 -3.45
CA PRO A 419 0.69 11.36 -3.81
C PRO A 419 -0.44 11.98 -4.59
N LEU A 420 -0.87 11.29 -5.64
CA LEU A 420 -1.88 11.84 -6.52
C LEU A 420 -3.15 12.18 -5.78
N GLU A 421 -3.57 11.32 -4.84
CA GLU A 421 -4.85 11.49 -4.18
C GLU A 421 -4.97 12.81 -3.42
N TRP A 422 -3.86 13.47 -3.15
CA TRP A 422 -3.88 14.72 -2.40
C TRP A 422 -3.90 15.95 -3.28
N THR A 423 -3.75 15.80 -4.59
CA THR A 423 -3.64 16.98 -5.44
C THR A 423 -4.97 17.72 -5.54
N ILE A 424 -6.08 17.00 -5.62
CA ILE A 424 -7.39 17.64 -5.72
C ILE A 424 -7.74 18.31 -4.40
N PRO A 425 -7.57 17.67 -3.23
CA PRO A 425 -7.71 18.42 -1.98
C PRO A 425 -6.72 19.55 -1.87
N SER A 426 -5.64 19.53 -2.66
CA SER A 426 -4.68 20.62 -2.72
C SER A 426 -4.06 20.84 -1.35
N ARG A 427 -3.49 19.79 -0.77
CA ARG A 427 -2.93 19.87 0.57
C ARG A 427 -1.67 19.04 0.65
N ASP A 428 -0.78 19.47 1.54
CA ASP A 428 0.34 18.64 1.97
C ASP A 428 1.24 18.25 0.80
N ASN A 429 1.71 19.23 0.06
CA ASN A 429 2.69 18.93 -0.97
C ASN A 429 4.09 18.93 -0.36
N ASN A 430 5.03 18.32 -1.09
CA ASN A 430 6.44 18.22 -0.68
C ASN A 430 6.58 17.94 0.80
N LYS A 431 5.75 17.04 1.32
CA LYS A 431 5.86 16.57 2.69
C LYS A 431 6.27 15.11 2.73
N CYS A 432 5.60 14.25 1.99
CA CYS A 432 6.01 12.86 1.88
C CYS A 432 7.45 12.78 1.45
N TYR A 433 8.14 11.73 1.89
CA TYR A 433 9.59 11.67 1.77
C TYR A 433 9.98 10.22 1.65
N ALA A 434 10.84 9.90 0.69
CA ALA A 434 11.28 8.53 0.53
C ALA A 434 12.79 8.52 0.38
N LYS A 435 13.47 7.71 1.18
CA LYS A 435 14.92 7.64 1.06
C LYS A 435 15.39 6.22 1.26
N ILE A 436 16.38 5.84 0.47
CA ILE A 436 17.05 4.56 0.59
C ILE A 436 18.52 4.83 0.86
N ILE A 437 19.10 3.98 1.69
CA ILE A 437 20.48 4.11 2.13
C ILE A 437 21.25 2.94 1.53
N CYS A 438 22.26 3.23 0.72
CA CYS A 438 22.94 2.21 -0.04
C CYS A 438 24.42 2.15 0.33
N ASN A 439 24.93 0.92 0.35
CA ASN A 439 26.31 0.59 0.67
C ASN A 439 27.08 0.47 -0.63
N THR A 440 28.00 1.40 -0.87
CA THR A 440 28.76 1.37 -2.11
C THR A 440 29.77 0.22 -2.13
N LYS A 441 30.36 -0.08 -0.97
CA LYS A 441 31.36 -1.15 -0.89
C LYS A 441 30.82 -2.51 -1.28
N ASP A 442 29.50 -2.65 -1.45
CA ASP A 442 28.86 -3.95 -1.59
C ASP A 442 27.86 -3.90 -2.75
N ASN A 443 28.30 -3.36 -3.89
CA ASN A 443 27.46 -3.26 -5.10
C ASN A 443 26.27 -2.35 -4.86
N GLU A 444 26.51 -1.25 -4.13
CA GLU A 444 25.46 -0.30 -3.79
C GLU A 444 24.24 -1.01 -3.21
N ARG A 445 24.47 -1.97 -2.33
CA ARG A 445 23.37 -2.75 -1.78
C ARG A 445 22.45 -1.83 -0.98
N VAL A 446 21.16 -2.13 -1.00
CA VAL A 446 20.17 -1.33 -0.28
C VAL A 446 20.13 -1.85 1.14
N VAL A 447 20.83 -1.17 2.05
CA VAL A 447 20.85 -1.62 3.45
C VAL A 447 19.76 -0.96 4.27
N GLY A 448 19.14 0.10 3.76
CA GLY A 448 18.18 0.83 4.53
C GLY A 448 17.05 1.34 3.67
N PHE A 449 15.85 1.36 4.22
CA PHE A 449 14.68 1.78 3.46
C PHE A 449 13.76 2.53 4.40
N HIS A 450 13.38 3.74 4.02
CA HIS A 450 12.51 4.57 4.85
C HIS A 450 11.54 5.31 3.97
N VAL A 451 10.26 5.21 4.28
CA VAL A 451 9.23 5.86 3.50
C VAL A 451 8.30 6.57 4.46
N LEU A 452 7.98 7.81 4.15
CA LEU A 452 7.07 8.61 4.93
C LEU A 452 5.98 9.08 3.98
N GLY A 453 4.82 8.45 4.06
CA GLY A 453 3.74 8.77 3.15
C GLY A 453 2.59 7.84 3.37
N PRO A 454 1.50 8.04 2.62
CA PRO A 454 0.29 7.26 2.88
C PRO A 454 0.51 5.79 2.56
N ASN A 455 -0.15 4.94 3.34
CA ASN A 455 -0.05 3.50 3.19
C ASN A 455 1.42 3.05 3.22
N ALA A 456 2.14 3.52 4.22
CA ALA A 456 3.57 3.23 4.31
C ALA A 456 3.82 1.74 4.47
N GLY A 457 3.09 1.07 5.35
CA GLY A 457 3.37 -0.32 5.61
C GLY A 457 3.16 -1.21 4.40
N GLU A 458 2.13 -0.93 3.62
CA GLU A 458 1.89 -1.71 2.42
C GLU A 458 3.05 -1.59 1.45
N VAL A 459 3.60 -0.38 1.30
CA VAL A 459 4.75 -0.21 0.42
C VAL A 459 5.98 -0.89 1.02
N THR A 460 6.09 -0.88 2.35
CA THR A 460 7.29 -1.35 3.03
C THR A 460 7.41 -2.86 3.07
N GLN A 461 6.28 -3.57 3.14
CA GLN A 461 6.33 -5.02 3.19
C GLN A 461 7.14 -5.57 2.02
N GLY A 462 6.84 -5.11 0.82
CA GLY A 462 7.51 -5.65 -0.35
C GLY A 462 9.00 -5.35 -0.36
N PHE A 463 9.38 -4.13 -0.02
CA PHE A 463 10.79 -3.81 -0.05
C PHE A 463 11.54 -4.50 1.08
N ALA A 464 10.86 -4.83 2.18
CA ALA A 464 11.50 -5.67 3.18
C ALA A 464 11.76 -7.05 2.62
N ALA A 465 10.78 -7.64 1.94
CA ALA A 465 11.00 -8.93 1.31
C ALA A 465 12.13 -8.85 0.29
N ALA A 466 12.23 -7.72 -0.40
CA ALA A 466 13.34 -7.54 -1.34
C ALA A 466 14.68 -7.47 -0.60
N LEU A 467 14.72 -6.79 0.54
CA LEU A 467 15.97 -6.69 1.29
C LEU A 467 16.42 -8.07 1.73
N LYS A 468 15.48 -8.94 2.09
CA LYS A 468 15.88 -10.32 2.38
C LYS A 468 16.51 -10.99 1.18
N CYS A 469 16.18 -10.55 -0.03
CA CYS A 469 16.77 -11.08 -1.25
C CYS A 469 18.05 -10.36 -1.66
N GLY A 470 18.50 -9.38 -0.89
CA GLY A 470 19.68 -8.64 -1.26
C GLY A 470 19.48 -7.71 -2.43
N LEU A 471 18.38 -6.96 -2.44
CA LEU A 471 18.13 -6.00 -3.50
C LEU A 471 19.28 -5.03 -3.64
N THR A 472 19.67 -4.75 -4.88
CA THR A 472 20.75 -3.83 -5.19
C THR A 472 20.18 -2.60 -5.87
N LYS A 473 20.91 -1.48 -5.76
CA LYS A 473 20.45 -0.24 -6.35
C LYS A 473 20.21 -0.39 -7.85
N LYS A 474 21.08 -1.16 -8.52
CA LYS A 474 20.91 -1.36 -9.96
C LYS A 474 19.60 -2.06 -10.27
N GLN A 475 19.33 -3.18 -9.58
CA GLN A 475 18.09 -3.88 -9.85
C GLN A 475 16.88 -3.01 -9.54
N LEU A 476 16.89 -2.36 -8.39
CA LEU A 476 15.81 -1.45 -8.02
C LEU A 476 15.57 -0.43 -9.13
N ASP A 477 16.64 0.14 -9.67
CA ASP A 477 16.49 1.06 -10.79
C ASP A 477 15.89 0.37 -12.01
N SER A 478 16.20 -0.92 -12.20
CA SER A 478 15.64 -1.61 -13.35
C SER A 478 14.20 -2.03 -13.15
N THR A 479 13.74 -2.11 -11.91
CA THR A 479 12.34 -2.46 -11.68
C THR A 479 11.45 -1.38 -12.26
N ILE A 480 10.38 -1.80 -12.88
CA ILE A 480 9.44 -0.87 -13.50
C ILE A 480 8.37 -0.50 -12.50
N GLY A 481 8.18 0.80 -12.30
CA GLY A 481 7.17 1.26 -11.38
C GLY A 481 5.78 0.95 -11.89
N ILE A 482 4.81 1.11 -11.00
CA ILE A 482 3.41 1.09 -11.37
C ILE A 482 2.90 2.52 -11.39
N HIS A 483 2.05 2.84 -12.35
CA HIS A 483 1.61 4.21 -12.40
C HIS A 483 0.09 4.28 -12.38
N PRO A 484 -0.50 5.25 -11.68
CA PRO A 484 0.12 6.15 -10.71
C PRO A 484 -0.04 5.64 -9.30
N VAL A 485 1.06 5.27 -8.65
CA VAL A 485 1.04 4.77 -7.29
C VAL A 485 2.16 5.46 -6.53
N CYS A 486 1.90 5.76 -5.26
CA CYS A 486 2.92 6.41 -4.43
C CYS A 486 4.23 5.64 -4.48
N ALA A 487 4.15 4.32 -4.27
CA ALA A 487 5.35 3.49 -4.18
C ALA A 487 6.30 3.69 -5.33
N GLU A 488 5.81 4.13 -6.50
CA GLU A 488 6.67 4.23 -7.66
C GLU A 488 7.80 5.22 -7.47
N VAL A 489 7.72 6.07 -6.44
CA VAL A 489 8.85 6.96 -6.19
C VAL A 489 10.11 6.17 -5.96
N PHE A 490 9.99 4.94 -5.46
CA PHE A 490 11.17 4.11 -5.19
C PHE A 490 11.77 3.53 -6.45
N THR A 491 11.17 3.75 -7.61
CA THR A 491 11.76 3.27 -8.85
C THR A 491 12.84 4.20 -9.40
N THR A 492 12.72 5.50 -9.16
CA THR A 492 13.52 6.47 -9.89
C THR A 492 14.28 7.40 -8.95
N LEU A 493 14.77 6.86 -7.84
CA LEU A 493 15.59 7.65 -6.93
C LEU A 493 16.95 7.91 -7.56
N SER A 494 17.28 9.17 -7.80
CA SER A 494 18.54 9.52 -8.44
C SER A 494 19.29 10.65 -7.74
N VAL A 495 18.68 11.36 -6.80
CA VAL A 495 19.31 12.52 -6.17
C VAL A 495 19.94 12.04 -4.87
N THR A 496 21.20 12.37 -4.66
CA THR A 496 21.88 12.01 -3.43
C THR A 496 21.94 13.20 -2.49
N LYS A 497 21.99 12.90 -1.19
CA LYS A 497 22.26 13.94 -0.21
C LYS A 497 23.68 14.47 -0.36
N ARG A 498 24.62 13.59 -0.69
CA ARG A 498 26.00 14.01 -0.88
C ARG A 498 26.12 15.04 -1.99
N SER A 499 25.36 14.85 -3.08
CA SER A 499 25.40 15.83 -4.17
C SER A 499 24.88 17.19 -3.72
N GLY A 500 24.03 17.23 -2.70
CA GLY A 500 23.51 18.48 -2.21
C GLY A 500 22.44 19.12 -3.07
N ALA A 501 22.09 18.52 -4.20
CA ALA A 501 21.09 19.10 -5.09
C ALA A 501 19.73 19.19 -4.40
N SER A 502 18.90 20.09 -4.89
CA SER A 502 17.57 20.29 -4.33
C SER A 502 16.64 19.16 -4.77
N ILE A 503 15.60 18.94 -3.97
CA ILE A 503 14.69 17.82 -4.20
C ILE A 503 13.26 18.32 -4.29
N LEU A 504 13.09 19.64 -4.27
CA LEU A 504 11.75 20.23 -4.26
C LEU A 504 11.03 20.00 -5.58
N LYS B 20 25.80 16.22 -42.23
CA LYS B 20 25.61 17.46 -42.96
C LYS B 20 24.63 18.38 -42.24
N SER B 21 23.78 19.06 -43.00
CA SER B 21 22.77 19.92 -42.40
C SER B 21 21.70 19.09 -41.72
N TYR B 22 21.35 19.49 -40.51
CA TYR B 22 20.31 18.84 -39.72
C TYR B 22 19.73 19.83 -38.72
N ASP B 23 18.46 20.19 -38.91
CA ASP B 23 17.83 21.18 -38.04
C ASP B 23 17.96 20.77 -36.57
N TYR B 24 17.58 19.55 -36.24
CA TYR B 24 17.61 19.05 -34.88
C TYR B 24 18.33 17.72 -34.86
N ASP B 25 18.86 17.38 -33.70
CA ASP B 25 19.50 16.08 -33.56
C ASP B 25 18.49 14.97 -33.30
N LEU B 26 17.38 15.29 -32.65
CA LEU B 26 16.37 14.28 -32.34
C LEU B 26 15.00 14.90 -32.47
N ILE B 27 14.16 14.28 -33.29
CA ILE B 27 12.77 14.71 -33.45
C ILE B 27 11.88 13.63 -32.86
N ILE B 28 11.13 13.99 -31.84
CA ILE B 28 10.21 13.08 -31.19
C ILE B 28 8.81 13.40 -31.69
N ILE B 29 8.19 12.46 -32.39
CA ILE B 29 6.85 12.64 -32.90
C ILE B 29 5.91 12.08 -31.84
N GLY B 30 5.17 12.96 -31.17
CA GLY B 30 4.27 12.55 -30.12
C GLY B 30 4.75 13.00 -28.76
N GLY B 31 3.90 13.72 -28.03
CA GLY B 31 4.32 14.28 -26.76
C GLY B 31 3.71 13.54 -25.60
N GLY B 32 3.63 12.22 -25.72
CA GLY B 32 3.11 11.40 -24.65
C GLY B 32 4.15 11.20 -23.57
N SER B 33 3.84 10.27 -22.66
CA SER B 33 4.76 10.01 -21.56
C SER B 33 6.16 9.67 -22.07
N GLY B 34 6.26 8.64 -22.91
CA GLY B 34 7.56 8.21 -23.39
C GLY B 34 8.27 9.29 -24.19
N GLY B 35 7.53 9.94 -25.10
CA GLY B 35 8.13 10.99 -25.90
C GLY B 35 8.72 12.10 -25.05
N LEU B 36 7.95 12.60 -24.09
CA LEU B 36 8.42 13.69 -23.26
C LEU B 36 9.58 13.25 -22.39
N ALA B 37 9.53 12.02 -21.88
CA ALA B 37 10.66 11.53 -21.08
C ALA B 37 11.93 11.52 -21.89
N ALA B 38 11.88 10.96 -23.09
CA ALA B 38 13.07 10.90 -23.94
C ALA B 38 13.54 12.29 -24.32
N ALA B 39 12.61 13.21 -24.59
CA ALA B 39 12.99 14.57 -24.93
C ALA B 39 13.76 15.22 -23.78
N LYS B 40 13.20 15.16 -22.57
CA LYS B 40 13.88 15.76 -21.43
C LYS B 40 15.25 15.14 -21.22
N GLU B 41 15.37 13.83 -21.38
CA GLU B 41 16.66 13.20 -21.10
C GLU B 41 17.69 13.54 -22.15
N ALA B 42 17.31 13.49 -23.44
CA ALA B 42 18.24 13.86 -24.49
C ALA B 42 18.64 15.32 -24.37
N ALA B 43 17.72 16.17 -23.93
CA ALA B 43 18.08 17.56 -23.70
C ALA B 43 19.05 17.69 -22.54
N GLN B 44 18.97 16.79 -21.57
CA GLN B 44 19.92 16.83 -20.46
C GLN B 44 21.37 16.75 -20.93
N TYR B 45 21.63 16.23 -22.13
CA TYR B 45 22.98 16.08 -22.64
C TYR B 45 23.29 17.07 -23.77
N GLY B 46 22.64 18.23 -23.75
CA GLY B 46 23.02 19.28 -24.67
C GLY B 46 22.73 19.01 -26.13
N LYS B 47 21.82 18.09 -26.43
CA LYS B 47 21.45 17.81 -27.81
C LYS B 47 20.23 18.65 -28.20
N LYS B 48 20.20 19.07 -29.46
CA LYS B 48 19.06 19.80 -29.98
C LYS B 48 17.91 18.83 -30.23
N VAL B 49 16.75 19.11 -29.63
CA VAL B 49 15.63 18.18 -29.66
C VAL B 49 14.34 18.95 -29.90
N MET B 50 13.47 18.40 -30.73
CA MET B 50 12.17 19.01 -31.00
C MET B 50 11.06 17.97 -30.87
N VAL B 51 9.96 18.37 -30.23
CA VAL B 51 8.83 17.49 -29.98
C VAL B 51 7.61 17.99 -30.76
N LEU B 52 7.00 17.10 -31.53
CA LEU B 52 5.77 17.37 -32.25
C LEU B 52 4.61 16.67 -31.55
N ASP B 53 3.66 17.43 -31.03
CA ASP B 53 2.50 16.84 -30.40
C ASP B 53 1.24 17.49 -30.93
N PHE B 54 0.29 16.65 -31.34
CA PHE B 54 -0.96 17.12 -31.91
C PHE B 54 -2.01 16.05 -31.68
N VAL B 55 -3.12 16.43 -31.06
CA VAL B 55 -4.19 15.50 -30.72
C VAL B 55 -5.31 15.69 -31.73
N THR B 56 -5.46 14.74 -32.64
CA THR B 56 -6.59 14.77 -33.54
C THR B 56 -7.87 14.68 -32.71
N PRO B 57 -8.86 15.52 -32.97
CA PRO B 57 -10.03 15.55 -32.09
C PRO B 57 -10.85 14.28 -32.18
N THR B 58 -11.59 14.01 -31.10
CA THR B 58 -12.50 12.88 -31.07
C THR B 58 -13.64 13.14 -32.05
N PRO B 59 -14.31 12.08 -32.53
CA PRO B 59 -15.50 12.27 -33.38
C PRO B 59 -16.45 13.33 -32.84
N LEU B 60 -16.64 13.35 -31.51
CA LEU B 60 -17.48 14.38 -30.91
C LEU B 60 -16.81 15.75 -30.94
N GLY B 61 -15.49 15.80 -30.91
CA GLY B 61 -14.78 17.07 -30.93
C GLY B 61 -13.94 17.35 -29.70
N THR B 62 -13.77 16.41 -28.78
CA THR B 62 -12.99 16.65 -27.57
C THR B 62 -11.50 16.70 -27.89
N ARG B 63 -10.82 17.68 -27.34
CA ARG B 63 -9.38 17.82 -27.51
C ARG B 63 -8.75 18.17 -26.17
N TRP B 64 -7.45 17.95 -26.06
CA TRP B 64 -6.74 18.18 -24.81
C TRP B 64 -5.34 18.67 -25.11
N GLY B 65 -4.62 19.02 -24.06
CA GLY B 65 -3.35 19.70 -24.19
C GLY B 65 -2.18 18.74 -24.36
N LEU B 66 -0.99 19.24 -24.02
CA LEU B 66 0.21 18.44 -24.00
C LEU B 66 0.14 17.40 -22.88
N GLY B 67 0.96 16.36 -23.02
CA GLY B 67 1.12 15.33 -22.02
C GLY B 67 0.69 13.96 -22.47
N GLY B 68 -0.21 13.88 -23.43
CA GLY B 68 -0.58 12.59 -23.97
C GLY B 68 -1.68 11.89 -23.19
N THR B 69 -1.77 10.59 -23.48
CA THR B 69 -2.91 9.80 -23.06
C THR B 69 -2.94 9.61 -21.54
N CYS B 70 -1.82 9.20 -20.95
CA CYS B 70 -1.78 8.98 -19.51
C CYS B 70 -2.25 10.23 -18.77
N VAL B 71 -1.59 11.35 -19.01
CA VAL B 71 -1.86 12.55 -18.24
C VAL B 71 -3.28 13.03 -18.48
N ASN B 72 -3.68 13.12 -19.75
CA ASN B 72 -4.92 13.84 -20.05
C ASN B 72 -6.17 12.98 -20.02
N VAL B 73 -6.08 11.73 -20.45
CA VAL B 73 -7.29 10.94 -20.65
C VAL B 73 -7.15 9.54 -20.09
N GLY B 74 -6.17 9.33 -19.23
CA GLY B 74 -5.75 7.98 -18.92
C GLY B 74 -5.46 7.75 -17.46
N CYS B 75 -4.24 7.28 -17.17
CA CYS B 75 -3.81 6.95 -15.82
C CYS B 75 -4.34 7.93 -14.79
N ILE B 76 -4.08 9.21 -14.98
CA ILE B 76 -4.32 10.20 -13.94
C ILE B 76 -5.81 10.38 -13.66
N PRO B 77 -6.63 10.81 -14.63
CA PRO B 77 -8.05 11.03 -14.29
C PRO B 77 -8.73 9.76 -13.88
N LYS B 78 -8.32 8.62 -14.42
CA LYS B 78 -8.92 7.36 -14.01
C LYS B 78 -8.63 7.09 -12.54
N LYS B 79 -7.38 7.33 -12.12
CA LYS B 79 -7.07 7.19 -10.70
C LYS B 79 -7.86 8.16 -9.85
N LEU B 80 -8.03 9.40 -10.33
CA LEU B 80 -8.75 10.38 -9.54
C LEU B 80 -10.22 10.00 -9.37
N MET B 81 -10.87 9.56 -10.44
CA MET B 81 -12.25 9.15 -10.29
C MET B 81 -12.36 7.89 -9.45
N HIS B 82 -11.38 6.98 -9.56
CA HIS B 82 -11.38 5.84 -8.67
C HIS B 82 -11.27 6.29 -7.22
N GLN B 83 -10.50 7.34 -6.98
CA GLN B 83 -10.39 7.87 -5.63
C GLN B 83 -11.71 8.46 -5.18
N ALA B 84 -12.45 9.07 -6.10
CA ALA B 84 -13.79 9.57 -5.77
C ALA B 84 -14.72 8.43 -5.35
N ALA B 85 -14.66 7.33 -6.09
CA ALA B 85 -15.46 6.16 -5.71
C ALA B 85 -15.03 5.63 -4.35
N LEU B 86 -13.72 5.53 -4.14
CA LEU B 86 -13.22 5.05 -2.86
C LEU B 86 -13.65 5.96 -1.72
N LEU B 87 -13.69 7.27 -1.95
CA LEU B 87 -14.17 8.16 -0.92
C LEU B 87 -15.67 8.01 -0.70
N GLY B 88 -16.41 7.64 -1.74
CA GLY B 88 -17.80 7.26 -1.50
C GLY B 88 -17.91 6.10 -0.54
N GLN B 89 -17.14 5.06 -0.80
CA GLN B 89 -17.17 3.91 0.10
C GLN B 89 -16.66 4.29 1.48
N ALA B 90 -15.73 5.24 1.56
CA ALA B 90 -15.25 5.72 2.86
C ALA B 90 -16.35 6.48 3.59
N LEU B 91 -17.10 7.32 2.88
CA LEU B 91 -18.25 7.98 3.47
C LEU B 91 -19.21 6.97 4.06
N GLN B 92 -19.48 5.89 3.32
CA GLN B 92 -20.33 4.84 3.85
C GLN B 92 -19.71 4.21 5.10
N ASP B 93 -18.41 3.92 5.04
CA ASP B 93 -17.75 3.23 6.15
C ASP B 93 -17.75 4.08 7.42
N SER B 94 -17.63 5.40 7.26
CA SER B 94 -17.35 6.27 8.39
C SER B 94 -18.43 6.20 9.45
N ARG B 95 -19.65 5.81 9.08
CA ARG B 95 -20.75 5.77 10.04
C ARG B 95 -20.42 4.84 11.20
N ASN B 96 -19.98 3.62 10.90
CA ASN B 96 -19.70 2.68 11.98
C ASN B 96 -18.54 3.11 12.85
N TYR B 97 -17.61 3.90 12.32
CA TYR B 97 -16.48 4.34 13.13
C TYR B 97 -16.80 5.51 14.03
N GLY B 98 -18.03 6.02 14.01
CA GLY B 98 -18.44 7.04 14.96
C GLY B 98 -18.65 8.42 14.39
N TRP B 99 -18.45 8.62 13.09
CA TRP B 99 -18.72 9.91 12.48
C TRP B 99 -20.20 10.03 12.16
N LYS B 100 -20.77 11.21 12.43
CA LYS B 100 -22.20 11.43 12.25
C LYS B 100 -22.45 12.00 10.87
N VAL B 101 -22.50 11.09 9.90
CA VAL B 101 -22.73 11.45 8.51
C VAL B 101 -24.13 11.01 8.10
N GLU B 102 -24.82 11.87 7.36
CA GLU B 102 -26.17 11.56 6.89
C GLU B 102 -26.18 10.25 6.12
N GLU B 103 -27.30 9.53 6.21
CA GLU B 103 -27.38 8.16 5.72
C GLU B 103 -26.98 8.05 4.25
N THR B 104 -27.48 8.93 3.39
CA THR B 104 -27.21 8.86 1.97
C THR B 104 -26.72 10.21 1.48
N VAL B 105 -25.56 10.22 0.83
CA VAL B 105 -24.96 11.45 0.29
C VAL B 105 -24.94 11.37 -1.23
N LYS B 106 -25.33 12.45 -1.88
CA LYS B 106 -25.40 12.51 -3.33
C LYS B 106 -24.10 13.01 -3.91
N HIS B 107 -23.85 12.66 -5.17
CA HIS B 107 -22.61 12.99 -5.85
C HIS B 107 -22.88 13.96 -6.99
N ASP B 108 -21.99 14.94 -7.14
CA ASP B 108 -22.12 15.99 -8.16
C ASP B 108 -21.07 15.74 -9.23
N TRP B 109 -21.52 15.33 -10.41
CA TRP B 109 -20.61 15.01 -11.49
C TRP B 109 -19.83 16.25 -11.94
N ASP B 110 -20.53 17.38 -12.07
CA ASP B 110 -19.90 18.57 -12.63
C ASP B 110 -18.71 19.04 -11.79
N ARG B 111 -18.85 19.02 -10.46
CA ARG B 111 -17.75 19.45 -9.62
C ARG B 111 -16.56 18.52 -9.75
N MET B 112 -16.81 17.21 -9.77
CA MET B 112 -15.72 16.26 -9.89
C MET B 112 -14.97 16.47 -11.20
N ILE B 113 -15.72 16.69 -12.28
CA ILE B 113 -15.09 16.96 -13.57
C ILE B 113 -14.27 18.23 -13.51
N GLU B 114 -14.81 19.27 -12.88
CA GLU B 114 -14.08 20.52 -12.77
C GLU B 114 -12.75 20.32 -12.07
N ALA B 115 -12.77 19.61 -10.95
CA ALA B 115 -11.53 19.40 -10.20
C ALA B 115 -10.53 18.59 -11.00
N VAL B 116 -10.98 17.48 -11.59
CA VAL B 116 -10.07 16.64 -12.37
C VAL B 116 -9.47 17.45 -13.51
N GLN B 117 -10.32 18.14 -14.26
CA GLN B 117 -9.84 18.89 -15.42
C GLN B 117 -8.90 20.01 -14.99
N ASN B 118 -9.12 20.60 -13.82
CA ASN B 118 -8.20 21.61 -13.33
C ASN B 118 -6.82 21.01 -13.11
N HIS B 119 -6.77 19.85 -12.45
CA HIS B 119 -5.46 19.24 -12.23
C HIS B 119 -4.80 18.84 -13.54
N ILE B 120 -5.58 18.35 -14.49
CA ILE B 120 -5.03 18.00 -15.80
C ILE B 120 -4.45 19.23 -16.48
N GLY B 121 -5.16 20.36 -16.42
CA GLY B 121 -4.61 21.59 -16.92
C GLY B 121 -3.30 21.97 -16.26
N SER B 122 -3.23 21.77 -14.95
CA SER B 122 -1.99 22.09 -14.26
C SER B 122 -0.85 21.20 -14.72
N LEU B 123 -1.13 19.93 -14.98
CA LEU B 123 -0.07 19.04 -15.48
C LEU B 123 0.36 19.42 -16.89
N ASN B 124 -0.61 19.76 -17.75
CA ASN B 124 -0.27 20.23 -19.09
C ASN B 124 0.68 21.43 -19.01
N TRP B 125 0.33 22.40 -18.17
CA TRP B 125 1.18 23.58 -18.02
C TRP B 125 2.53 23.21 -17.46
N GLY B 126 2.58 22.31 -16.47
CA GLY B 126 3.84 21.86 -15.93
C GLY B 126 4.75 21.28 -16.99
N TYR B 127 4.20 20.41 -17.83
CA TYR B 127 5.01 19.81 -18.89
C TYR B 127 5.50 20.87 -19.86
N ARG B 128 4.64 21.79 -20.27
CA ARG B 128 5.07 22.83 -21.20
C ARG B 128 6.21 23.65 -20.60
N VAL B 129 6.10 24.00 -19.32
CA VAL B 129 7.15 24.77 -18.67
C VAL B 129 8.44 23.97 -18.60
N ALA B 130 8.33 22.69 -18.23
CA ALA B 130 9.51 21.83 -18.17
C ALA B 130 10.22 21.79 -19.52
N LEU B 131 9.45 21.63 -20.61
CA LEU B 131 10.07 21.58 -21.94
C LEU B 131 10.74 22.91 -22.28
N ARG B 132 10.12 24.04 -21.94
CA ARG B 132 10.77 25.32 -22.20
C ARG B 132 12.04 25.46 -21.38
N GLU B 133 12.05 24.94 -20.16
CA GLU B 133 13.20 25.12 -19.29
C GLU B 133 14.40 24.30 -19.75
N LYS B 134 14.17 23.11 -20.29
CA LYS B 134 15.25 22.28 -20.77
C LYS B 134 15.67 22.62 -22.20
N LYS B 135 15.15 23.71 -22.75
CA LYS B 135 15.50 24.18 -24.09
C LYS B 135 15.05 23.20 -25.17
N VAL B 136 13.83 22.68 -25.01
CA VAL B 136 13.25 21.74 -25.96
C VAL B 136 12.14 22.44 -26.73
N VAL B 137 12.28 22.50 -28.05
CA VAL B 137 11.31 23.20 -28.88
C VAL B 137 10.05 22.36 -28.97
N TYR B 138 8.92 22.93 -28.57
CA TYR B 138 7.63 22.27 -28.67
C TYR B 138 6.80 22.93 -29.76
N GLU B 139 6.34 22.14 -30.72
CA GLU B 139 5.59 22.63 -31.86
C GLU B 139 4.27 21.87 -31.92
N ASN B 140 3.16 22.58 -31.73
CA ASN B 140 1.84 21.94 -31.73
C ASN B 140 1.43 21.66 -33.19
N ALA B 141 2.04 20.63 -33.76
CA ALA B 141 1.82 20.31 -35.16
C ALA B 141 1.80 18.81 -35.35
N TYR B 142 1.01 18.38 -36.34
CA TYR B 142 0.88 16.97 -36.67
C TYR B 142 2.06 16.54 -37.52
N GLY B 143 2.80 15.54 -37.06
CA GLY B 143 3.98 15.08 -37.77
C GLY B 143 3.63 14.12 -38.89
N GLN B 144 4.49 14.09 -39.91
CA GLN B 144 4.27 13.23 -41.06
C GLN B 144 5.57 13.09 -41.83
N PHE B 145 6.04 11.86 -42.00
CA PHE B 145 7.23 11.62 -42.80
C PHE B 145 6.94 11.85 -44.28
N ILE B 146 7.85 12.56 -44.95
CA ILE B 146 7.78 12.72 -46.39
C ILE B 146 8.99 12.13 -47.10
N GLY B 147 10.13 12.00 -46.42
CA GLY B 147 11.31 11.45 -47.02
C GLY B 147 12.40 11.22 -46.00
N PRO B 148 13.49 10.58 -46.43
CA PRO B 148 14.59 10.27 -45.50
C PRO B 148 15.04 11.47 -44.68
N HIS B 149 15.00 11.33 -43.36
CA HIS B 149 15.46 12.33 -42.41
C HIS B 149 14.68 13.63 -42.51
N ARG B 150 13.54 13.65 -43.19
CA ARG B 150 12.73 14.85 -43.33
C ARG B 150 11.27 14.55 -42.98
N ILE B 151 10.61 15.55 -42.40
CA ILE B 151 9.24 15.41 -41.93
C ILE B 151 8.46 16.70 -42.21
N LYS B 152 7.15 16.54 -42.30
CA LYS B 152 6.23 17.62 -42.61
C LYS B 152 5.32 17.84 -41.41
N ALA B 153 5.22 19.09 -40.96
CA ALA B 153 4.46 19.44 -39.76
C ALA B 153 3.34 20.39 -40.15
N THR B 154 2.11 20.02 -39.83
CA THR B 154 0.94 20.83 -40.16
C THR B 154 0.31 21.33 -38.87
N ASN B 155 0.21 22.66 -38.74
CA ASN B 155 -0.39 23.25 -37.56
C ASN B 155 -1.91 23.10 -37.57
N ASN B 156 -2.52 23.53 -36.47
CA ASN B 156 -3.98 23.49 -36.36
C ASN B 156 -4.63 24.24 -37.50
N LYS B 157 -4.12 25.44 -37.81
CA LYS B 157 -4.70 26.29 -38.83
C LYS B 157 -4.53 25.71 -40.24
N GLY B 158 -3.56 24.84 -40.45
CA GLY B 158 -3.31 24.25 -41.75
C GLY B 158 -1.96 24.60 -42.34
N LYS B 159 -1.17 25.46 -41.71
CA LYS B 159 0.12 25.84 -42.25
C LYS B 159 1.11 24.69 -42.15
N GLU B 160 1.91 24.52 -43.19
CA GLU B 160 2.89 23.45 -43.27
C GLU B 160 4.31 23.98 -43.10
N LYS B 161 5.16 23.18 -42.46
CA LYS B 161 6.59 23.44 -42.33
C LYS B 161 7.34 22.13 -42.51
N ILE B 162 8.60 22.22 -42.88
CA ILE B 162 9.45 21.05 -43.10
C ILE B 162 10.57 21.06 -42.08
N TYR B 163 10.95 19.87 -41.59
CA TYR B 163 12.06 19.74 -40.66
C TYR B 163 12.94 18.56 -41.03
N SER B 164 14.21 18.66 -40.65
CA SER B 164 15.19 17.59 -40.85
C SER B 164 15.85 17.23 -39.54
N ALA B 165 16.29 15.97 -39.42
CA ALA B 165 16.88 15.50 -38.17
C ALA B 165 17.79 14.32 -38.42
N GLU B 166 18.74 14.15 -37.51
CA GLU B 166 19.60 12.98 -37.57
C GLU B 166 18.88 11.73 -37.07
N ARG B 167 18.08 11.86 -36.02
CA ARG B 167 17.39 10.72 -35.44
C ARG B 167 15.94 11.07 -35.14
N PHE B 168 15.09 10.05 -35.25
CA PHE B 168 13.67 10.20 -35.09
C PHE B 168 13.15 9.19 -34.08
N LEU B 169 12.21 9.63 -33.26
CA LEU B 169 11.61 8.79 -32.24
C LEU B 169 10.11 8.77 -32.45
N ILE B 170 9.60 7.64 -32.90
CA ILE B 170 8.16 7.49 -33.07
C ILE B 170 7.56 7.12 -31.73
N ALA B 171 6.75 8.02 -31.18
CA ALA B 171 6.11 7.82 -29.88
C ALA B 171 4.64 8.13 -30.01
N THR B 172 4.02 7.56 -31.04
CA THR B 172 2.73 8.04 -31.53
C THR B 172 1.55 7.49 -30.76
N GLY B 173 1.72 6.43 -29.98
CA GLY B 173 0.61 6.02 -29.15
C GLY B 173 -0.59 5.51 -29.93
N GLU B 174 -1.69 5.33 -29.21
CA GLU B 174 -2.87 4.66 -29.74
C GLU B 174 -4.10 5.52 -29.52
N ARG B 175 -5.18 5.15 -30.19
CA ARG B 175 -6.46 5.84 -30.06
C ARG B 175 -7.57 4.81 -29.96
N PRO B 176 -8.68 5.15 -29.32
CA PRO B 176 -9.73 4.15 -29.06
C PRO B 176 -10.27 3.55 -30.34
N ARG B 177 -10.62 2.28 -30.28
CA ARG B 177 -11.21 1.56 -31.40
C ARG B 177 -12.73 1.61 -31.31
N TYR B 178 -13.38 1.61 -32.46
CA TYR B 178 -14.83 1.65 -32.54
C TYR B 178 -15.36 0.40 -33.22
N LEU B 179 -16.54 -0.03 -32.80
CA LEU B 179 -17.24 -1.07 -33.54
C LEU B 179 -17.67 -0.55 -34.90
N GLY B 180 -17.62 -1.42 -35.91
CA GLY B 180 -18.05 -1.02 -37.23
C GLY B 180 -19.55 -1.03 -37.39
N ILE B 181 -20.26 -0.51 -36.39
CA ILE B 181 -21.72 -0.54 -36.40
C ILE B 181 -22.25 0.87 -36.60
N PRO B 182 -23.47 1.02 -37.13
CA PRO B 182 -24.01 2.36 -37.36
C PRO B 182 -24.28 3.07 -36.04
N GLY B 183 -24.00 4.36 -36.00
CA GLY B 183 -24.32 5.20 -34.87
C GLY B 183 -23.24 5.31 -33.83
N ASP B 184 -22.18 4.52 -33.93
CA ASP B 184 -21.13 4.52 -32.92
C ASP B 184 -20.46 5.89 -32.81
N LYS B 185 -20.07 6.46 -33.94
CA LYS B 185 -19.19 7.61 -33.90
C LYS B 185 -19.91 8.88 -33.47
N GLU B 186 -21.19 9.01 -33.79
CA GLU B 186 -21.90 10.23 -33.41
C GLU B 186 -22.67 10.11 -32.11
N TYR B 187 -22.97 8.89 -31.65
CA TYR B 187 -23.75 8.74 -30.44
C TYR B 187 -23.00 8.12 -29.27
N CYS B 188 -21.94 7.35 -29.50
CA CYS B 188 -21.22 6.76 -28.39
C CYS B 188 -20.01 7.60 -28.02
N ILE B 189 -19.58 7.45 -26.77
CA ILE B 189 -18.39 8.11 -26.25
C ILE B 189 -17.35 7.04 -25.96
N SER B 190 -16.11 7.46 -25.90
CA SER B 190 -15.00 6.58 -25.58
C SER B 190 -14.33 7.07 -24.31
N SER B 191 -13.29 6.35 -23.89
CA SER B 191 -12.47 6.83 -22.78
C SER B 191 -12.00 8.26 -23.04
N ASP B 192 -11.80 8.61 -24.31
CA ASP B 192 -11.36 9.95 -24.65
C ASP B 192 -12.32 11.01 -24.10
N ASP B 193 -13.62 10.77 -24.20
CA ASP B 193 -14.59 11.80 -23.89
C ASP B 193 -15.04 11.79 -22.43
N LEU B 194 -15.04 10.62 -21.79
CA LEU B 194 -15.71 10.48 -20.51
C LEU B 194 -15.14 11.43 -19.46
N PHE B 195 -13.82 11.51 -19.37
CA PHE B 195 -13.20 12.26 -18.27
C PHE B 195 -13.31 13.76 -18.46
N SER B 196 -13.92 14.22 -19.54
CA SER B 196 -14.24 15.63 -19.72
C SER B 196 -15.71 15.82 -20.09
N LEU B 197 -16.53 14.81 -19.86
CA LEU B 197 -17.94 14.89 -20.19
C LEU B 197 -18.60 16.04 -19.43
N PRO B 198 -19.25 16.98 -20.11
CA PRO B 198 -19.83 18.13 -19.42
C PRO B 198 -21.18 17.87 -18.79
N TYR B 199 -21.64 16.62 -18.68
CA TYR B 199 -22.92 16.34 -18.04
C TYR B 199 -22.88 14.95 -17.43
N CYS B 200 -23.77 14.72 -16.49
CA CYS B 200 -23.80 13.43 -15.81
C CYS B 200 -24.24 12.35 -16.79
N PRO B 201 -23.50 11.25 -16.91
CA PRO B 201 -23.87 10.23 -17.90
C PRO B 201 -25.12 9.45 -17.53
N GLY B 202 -25.61 9.56 -16.30
CA GLY B 202 -26.79 8.80 -15.95
C GLY B 202 -26.56 7.31 -16.11
N LYS B 203 -27.61 6.60 -16.51
CA LYS B 203 -27.44 5.19 -16.83
C LYS B 203 -26.50 5.05 -18.02
N THR B 204 -25.63 4.05 -17.96
CA THR B 204 -24.57 3.94 -18.95
C THR B 204 -24.35 2.48 -19.33
N LEU B 205 -24.05 2.26 -20.60
CA LEU B 205 -23.69 0.94 -21.10
C LEU B 205 -22.24 0.94 -21.55
N VAL B 206 -21.40 0.16 -20.88
CA VAL B 206 -19.98 0.05 -21.21
C VAL B 206 -19.76 -1.22 -22.00
N VAL B 207 -19.31 -1.09 -23.23
CA VAL B 207 -19.08 -2.22 -24.12
C VAL B 207 -17.61 -2.59 -24.06
N GLY B 208 -17.33 -3.84 -23.74
CA GLY B 208 -15.97 -4.34 -23.70
C GLY B 208 -15.62 -4.92 -22.34
N ALA B 209 -14.48 -5.60 -22.32
CA ALA B 209 -13.98 -6.18 -21.07
C ALA B 209 -12.50 -5.94 -20.90
N SER B 210 -11.94 -4.92 -21.56
CA SER B 210 -10.58 -4.57 -21.28
C SER B 210 -10.50 -3.89 -19.92
N TYR B 211 -9.29 -3.79 -19.39
CA TYR B 211 -9.13 -3.25 -18.04
C TYR B 211 -9.73 -1.86 -17.93
N VAL B 212 -9.65 -1.08 -19.00
CA VAL B 212 -10.30 0.23 -19.00
C VAL B 212 -11.80 0.09 -18.83
N ALA B 213 -12.39 -0.92 -19.47
CA ALA B 213 -13.84 -1.11 -19.36
C ALA B 213 -14.25 -1.34 -17.91
N LEU B 214 -13.56 -2.25 -17.22
CA LEU B 214 -13.92 -2.54 -15.84
C LEU B 214 -13.60 -1.37 -14.93
N GLU B 215 -12.49 -0.66 -15.16
CA GLU B 215 -12.20 0.51 -14.34
C GLU B 215 -13.32 1.53 -14.44
N CYS B 216 -13.71 1.90 -15.66
CA CYS B 216 -14.73 2.93 -15.82
C CYS B 216 -16.08 2.45 -15.30
N ALA B 217 -16.47 1.21 -15.60
CA ALA B 217 -17.68 0.66 -15.03
C ALA B 217 -17.66 0.76 -13.51
N GLY B 218 -16.58 0.30 -12.89
CA GLY B 218 -16.52 0.28 -11.45
C GLY B 218 -16.69 1.64 -10.83
N PHE B 219 -15.93 2.63 -11.29
CA PHE B 219 -16.03 3.89 -10.58
C PHE B 219 -17.28 4.66 -10.99
N LEU B 220 -17.85 4.40 -12.18
CA LEU B 220 -19.17 4.96 -12.47
C LEU B 220 -20.22 4.35 -11.55
N ALA B 221 -20.07 3.07 -11.20
CA ALA B 221 -21.01 2.48 -10.26
C ALA B 221 -20.81 3.04 -8.86
N GLY B 222 -19.56 3.28 -8.48
CA GLY B 222 -19.29 3.78 -7.14
C GLY B 222 -19.90 5.13 -6.86
N ILE B 223 -19.95 6.00 -7.87
CA ILE B 223 -20.56 7.32 -7.65
C ILE B 223 -22.07 7.28 -7.73
N GLY B 224 -22.65 6.09 -7.82
CA GLY B 224 -24.09 5.92 -7.68
C GLY B 224 -24.88 5.77 -8.95
N LEU B 225 -24.23 5.71 -10.11
CA LEU B 225 -24.95 5.57 -11.36
C LEU B 225 -25.29 4.11 -11.61
N ASP B 226 -26.28 3.91 -12.49
CA ASP B 226 -26.66 2.56 -12.93
C ASP B 226 -25.81 2.23 -14.16
N VAL B 227 -24.99 1.21 -14.06
CA VAL B 227 -24.04 0.85 -15.11
C VAL B 227 -24.30 -0.58 -15.54
N THR B 228 -24.17 -0.86 -16.82
CA THR B 228 -24.22 -2.22 -17.33
C THR B 228 -23.03 -2.48 -18.23
N VAL B 229 -22.39 -3.63 -18.05
CA VAL B 229 -21.19 -4.00 -18.79
C VAL B 229 -21.58 -5.11 -19.74
N MET B 230 -21.30 -4.90 -21.02
CA MET B 230 -21.64 -5.89 -22.04
C MET B 230 -20.35 -6.47 -22.61
N VAL B 231 -20.17 -7.77 -22.42
CA VAL B 231 -18.91 -8.44 -22.71
C VAL B 231 -19.12 -9.38 -23.88
N ARG B 232 -18.06 -9.56 -24.68
CA ARG B 232 -18.16 -10.49 -25.80
C ARG B 232 -17.94 -11.93 -25.35
N SER B 233 -16.72 -12.29 -24.93
CA SER B 233 -16.55 -13.65 -24.47
C SER B 233 -16.11 -13.75 -23.01
N ILE B 234 -14.94 -13.21 -22.69
CA ILE B 234 -14.35 -13.33 -21.36
C ILE B 234 -13.95 -11.95 -20.84
N LEU B 235 -13.78 -11.87 -19.52
CA LEU B 235 -13.26 -10.66 -18.89
C LEU B 235 -11.75 -10.64 -18.94
N LEU B 236 -11.20 -9.44 -19.15
CA LEU B 236 -9.78 -9.17 -18.95
C LEU B 236 -8.89 -10.17 -19.67
N ARG B 237 -9.03 -10.23 -20.98
CA ARG B 237 -8.16 -11.10 -21.75
C ARG B 237 -6.70 -10.70 -21.55
N GLY B 238 -5.84 -11.69 -21.36
CA GLY B 238 -4.45 -11.48 -21.06
C GLY B 238 -4.10 -11.57 -19.59
N PHE B 239 -5.03 -11.21 -18.70
CA PHE B 239 -4.82 -11.32 -17.27
C PHE B 239 -5.23 -12.71 -16.80
N ASP B 240 -4.79 -13.06 -15.60
CA ASP B 240 -5.13 -14.35 -15.02
C ASP B 240 -6.63 -14.50 -14.95
N GLN B 241 -7.14 -15.59 -15.54
CA GLN B 241 -8.58 -15.74 -15.67
C GLN B 241 -9.26 -16.01 -14.33
N ASP B 242 -8.58 -16.68 -13.39
CA ASP B 242 -9.20 -16.90 -12.10
C ASP B 242 -9.44 -15.57 -11.38
N MET B 243 -8.42 -14.72 -11.36
CA MET B 243 -8.59 -13.40 -10.75
C MET B 243 -9.60 -12.57 -11.52
N ALA B 244 -9.60 -12.69 -12.85
CA ALA B 244 -10.57 -11.97 -13.66
C ALA B 244 -12.00 -12.36 -13.28
N ASN B 245 -12.24 -13.66 -13.14
CA ASN B 245 -13.55 -14.14 -12.75
C ASN B 245 -13.91 -13.63 -11.36
N LYS B 246 -12.93 -13.60 -10.45
CA LYS B 246 -13.22 -13.10 -9.11
C LYS B 246 -13.61 -11.62 -9.15
N ILE B 247 -12.90 -10.83 -9.97
CA ILE B 247 -13.25 -9.42 -10.10
C ILE B 247 -14.66 -9.27 -10.66
N GLY B 248 -14.98 -10.10 -11.66
CA GLY B 248 -16.32 -10.06 -12.22
C GLY B 248 -17.37 -10.36 -11.16
N GLU B 249 -17.14 -11.40 -10.36
CA GLU B 249 -18.08 -11.74 -9.30
C GLU B 249 -18.26 -10.59 -8.32
N HIS B 250 -17.14 -9.98 -7.90
CA HIS B 250 -17.22 -8.90 -6.92
C HIS B 250 -17.95 -7.69 -7.49
N MET B 251 -17.64 -7.33 -8.73
CA MET B 251 -18.34 -6.22 -9.36
C MET B 251 -19.83 -6.51 -9.48
N GLU B 252 -20.18 -7.75 -9.81
CA GLU B 252 -21.58 -8.11 -9.94
C GLU B 252 -22.31 -8.01 -8.62
N GLU B 253 -21.64 -8.40 -7.53
CA GLU B 253 -22.26 -8.30 -6.22
C GLU B 253 -22.33 -6.87 -5.71
N HIS B 254 -21.72 -5.91 -6.40
CA HIS B 254 -21.79 -4.50 -6.03
C HIS B 254 -22.87 -3.73 -6.76
N GLY B 255 -23.66 -4.38 -7.60
CA GLY B 255 -24.75 -3.73 -8.30
C GLY B 255 -24.54 -3.50 -9.77
N ILE B 256 -23.35 -3.78 -10.30
CA ILE B 256 -23.15 -3.71 -11.75
C ILE B 256 -23.78 -4.91 -12.41
N LYS B 257 -24.43 -4.68 -13.54
CA LYS B 257 -25.11 -5.74 -14.28
C LYS B 257 -24.24 -6.18 -15.46
N PHE B 258 -24.20 -7.48 -15.68
CA PHE B 258 -23.39 -8.07 -16.74
C PHE B 258 -24.29 -8.78 -17.73
N ILE B 259 -24.11 -8.47 -19.02
CA ILE B 259 -24.77 -9.19 -20.11
C ILE B 259 -23.70 -9.94 -20.86
N ARG B 260 -23.73 -11.26 -20.78
CA ARG B 260 -22.66 -12.11 -21.27
C ARG B 260 -22.91 -12.51 -22.71
N GLN B 261 -21.85 -12.52 -23.52
CA GLN B 261 -21.90 -13.01 -24.90
C GLN B 261 -22.83 -12.17 -25.76
N PHE B 262 -22.53 -10.87 -25.84
CA PHE B 262 -23.31 -9.96 -26.69
C PHE B 262 -22.42 -8.88 -27.26
N VAL B 263 -22.70 -8.47 -28.48
CA VAL B 263 -21.98 -7.40 -29.16
C VAL B 263 -23.00 -6.48 -29.80
N PRO B 264 -22.88 -5.17 -29.65
CA PRO B 264 -23.90 -4.28 -30.23
C PRO B 264 -23.85 -4.32 -31.74
N ILE B 265 -25.03 -4.28 -32.37
CA ILE B 265 -25.11 -4.15 -33.82
C ILE B 265 -25.71 -2.84 -34.27
N LYS B 266 -26.42 -2.12 -33.40
CA LYS B 266 -26.85 -0.79 -33.82
C LYS B 266 -27.17 0.07 -32.61
N VAL B 267 -26.82 1.35 -32.71
CA VAL B 267 -27.10 2.35 -31.69
C VAL B 267 -27.86 3.48 -32.38
N GLU B 268 -29.07 3.78 -31.87
CA GLU B 268 -29.92 4.78 -32.49
C GLU B 268 -30.44 5.75 -31.44
N GLN B 269 -30.46 7.03 -31.79
CA GLN B 269 -30.79 8.07 -30.82
C GLN B 269 -32.31 8.17 -30.68
N ILE B 270 -32.80 7.97 -29.46
CA ILE B 270 -34.23 8.15 -29.19
C ILE B 270 -34.55 9.63 -29.03
N GLU B 271 -33.76 10.33 -28.22
CA GLU B 271 -33.96 11.75 -27.95
C GLU B 271 -32.61 12.38 -27.66
N ALA B 272 -32.36 13.55 -28.24
CA ALA B 272 -31.13 14.26 -27.95
C ALA B 272 -31.22 14.91 -26.57
N GLY B 273 -30.06 15.17 -25.97
CA GLY B 273 -30.02 15.83 -24.69
C GLY B 273 -28.64 15.71 -24.06
N THR B 274 -28.56 16.09 -22.78
CA THR B 274 -27.30 16.06 -22.04
C THR B 274 -27.56 15.50 -20.65
N PRO B 275 -27.70 14.19 -20.53
CA PRO B 275 -27.63 13.21 -21.61
C PRO B 275 -28.97 13.03 -22.31
N GLY B 276 -28.93 12.54 -23.54
CA GLY B 276 -30.13 12.15 -24.25
C GLY B 276 -30.54 10.75 -23.87
N ARG B 277 -31.30 10.11 -24.76
CA ARG B 277 -31.66 8.71 -24.61
C ARG B 277 -31.31 7.98 -25.90
N LEU B 278 -30.69 6.81 -25.78
CA LEU B 278 -30.30 6.00 -26.92
C LEU B 278 -30.80 4.58 -26.75
N ARG B 279 -31.09 3.92 -27.87
CA ARG B 279 -31.40 2.50 -27.89
C ARG B 279 -30.24 1.74 -28.51
N VAL B 280 -29.83 0.66 -27.86
CA VAL B 280 -28.81 -0.22 -28.40
C VAL B 280 -29.44 -1.59 -28.63
N VAL B 281 -29.35 -2.07 -29.86
CA VAL B 281 -29.79 -3.40 -30.25
C VAL B 281 -28.56 -4.26 -30.50
N ALA B 282 -28.50 -5.41 -29.83
CA ALA B 282 -27.34 -6.28 -29.85
C ALA B 282 -27.74 -7.73 -30.08
N GLN B 283 -26.84 -8.49 -30.71
CA GLN B 283 -27.08 -9.87 -31.07
C GLN B 283 -26.22 -10.79 -30.22
N SER B 284 -26.72 -11.99 -29.97
CA SER B 284 -25.93 -13.01 -29.28
C SER B 284 -24.67 -13.33 -30.08
N THR B 285 -23.72 -13.96 -29.39
CA THR B 285 -22.51 -14.44 -30.04
C THR B 285 -22.66 -15.85 -30.57
N ASN B 286 -23.50 -16.68 -29.94
CA ASN B 286 -23.65 -18.08 -30.32
C ASN B 286 -25.03 -18.41 -30.87
N SER B 287 -25.89 -17.42 -31.06
CA SER B 287 -27.21 -17.64 -31.61
C SER B 287 -27.67 -16.39 -32.34
N GLU B 288 -28.92 -16.39 -32.78
CA GLU B 288 -29.52 -15.21 -33.38
C GLU B 288 -30.35 -14.40 -32.40
N GLU B 289 -30.28 -14.73 -31.12
CA GLU B 289 -31.09 -14.02 -30.14
C GLU B 289 -30.67 -12.57 -30.05
N ILE B 290 -31.65 -11.68 -30.17
CA ILE B 290 -31.40 -10.24 -30.25
C ILE B 290 -32.14 -9.55 -29.11
N ILE B 291 -31.41 -8.71 -28.38
CA ILE B 291 -31.99 -7.98 -27.26
C ILE B 291 -31.73 -6.49 -27.45
N GLU B 292 -32.65 -5.69 -26.91
CA GLU B 292 -32.59 -4.24 -26.97
C GLU B 292 -32.49 -3.67 -25.56
N GLY B 293 -31.93 -2.47 -25.47
CA GLY B 293 -31.85 -1.79 -24.19
C GLY B 293 -31.84 -0.30 -24.43
N GLU B 294 -32.28 0.44 -23.44
CA GLU B 294 -32.23 1.89 -23.53
C GLU B 294 -31.27 2.41 -22.47
N TYR B 295 -30.36 3.28 -22.89
CA TYR B 295 -29.33 3.81 -22.03
C TYR B 295 -29.17 5.29 -22.29
N ASN B 296 -28.64 6.00 -21.32
CA ASN B 296 -28.45 7.44 -21.51
C ASN B 296 -27.20 7.72 -22.31
N THR B 297 -26.11 6.98 -22.06
CA THR B 297 -24.95 7.03 -22.93
C THR B 297 -24.29 5.68 -23.00
N VAL B 298 -23.61 5.44 -24.12
CA VAL B 298 -22.93 4.19 -24.40
C VAL B 298 -21.45 4.49 -24.57
N MET B 299 -20.62 3.86 -23.75
CA MET B 299 -19.18 4.04 -23.77
C MET B 299 -18.52 2.81 -24.38
N LEU B 300 -17.68 3.03 -25.38
CA LEU B 300 -17.01 1.95 -26.10
C LEU B 300 -15.59 1.81 -25.59
N ALA B 301 -15.30 0.67 -24.98
CA ALA B 301 -13.99 0.39 -24.40
C ALA B 301 -13.42 -0.93 -24.90
N ILE B 302 -13.42 -1.14 -26.22
CA ILE B 302 -13.13 -2.45 -26.79
C ILE B 302 -11.73 -2.52 -27.39
N GLY B 303 -10.79 -1.76 -26.84
CA GLY B 303 -9.40 -1.84 -27.27
C GLY B 303 -8.93 -0.55 -27.91
N ARG B 304 -7.68 -0.59 -28.35
CA ARG B 304 -7.03 0.60 -28.88
C ARG B 304 -6.22 0.23 -30.12
N ASP B 305 -6.18 1.16 -31.07
CA ASP B 305 -5.56 0.96 -32.37
C ASP B 305 -4.37 1.92 -32.51
N ALA B 306 -3.28 1.41 -33.08
CA ALA B 306 -2.08 2.21 -33.24
C ALA B 306 -2.32 3.33 -34.26
N CYS B 307 -1.74 4.49 -33.98
CA CYS B 307 -1.75 5.60 -34.93
C CYS B 307 -0.44 5.60 -35.73
N THR B 308 -0.20 4.48 -36.39
CA THR B 308 0.97 4.33 -37.24
C THR B 308 0.63 4.28 -38.71
N ARG B 309 -0.65 4.32 -39.06
CA ARG B 309 -1.03 4.26 -40.47
C ARG B 309 -0.71 5.58 -41.18
N LYS B 310 -1.02 6.71 -40.55
CA LYS B 310 -1.10 7.98 -41.24
C LYS B 310 0.08 8.91 -40.95
N ILE B 311 1.26 8.36 -40.68
CA ILE B 311 2.44 9.19 -40.47
C ILE B 311 3.45 9.00 -41.60
N GLY B 312 3.05 8.39 -42.71
CA GLY B 312 3.92 8.32 -43.86
C GLY B 312 5.12 7.42 -43.70
N LEU B 313 5.00 6.34 -42.94
CA LEU B 313 6.13 5.45 -42.73
C LEU B 313 6.64 4.84 -44.04
N GLU B 314 5.82 4.85 -45.09
CA GLU B 314 6.26 4.30 -46.37
C GLU B 314 7.33 5.17 -47.01
N THR B 315 7.23 6.49 -46.84
CA THR B 315 8.20 7.40 -47.46
C THR B 315 9.60 7.25 -46.90
N VAL B 316 9.77 6.51 -45.80
CA VAL B 316 11.09 6.35 -45.20
C VAL B 316 11.42 4.87 -45.10
N GLY B 317 10.44 4.01 -45.35
CA GLY B 317 10.69 2.60 -45.44
C GLY B 317 10.61 1.82 -44.14
N VAL B 318 9.94 2.36 -43.13
CA VAL B 318 9.81 1.66 -41.85
C VAL B 318 8.83 0.50 -42.02
N LYS B 319 9.29 -0.71 -41.72
CA LYS B 319 8.44 -1.88 -41.83
C LYS B 319 7.58 -2.01 -40.58
N ILE B 320 6.29 -2.26 -40.78
CA ILE B 320 5.34 -2.42 -39.69
C ILE B 320 4.56 -3.70 -39.91
N ASN B 321 3.94 -4.18 -38.84
CA ASN B 321 3.02 -5.32 -38.93
C ASN B 321 1.68 -4.80 -39.43
N GLU B 322 1.40 -5.07 -40.70
CA GLU B 322 0.19 -4.53 -41.33
C GLU B 322 -1.07 -5.02 -40.63
N LYS B 323 -1.04 -6.24 -40.08
CA LYS B 323 -2.24 -6.81 -39.48
C LYS B 323 -2.66 -6.05 -38.22
N THR B 324 -1.70 -5.77 -37.33
CA THR B 324 -2.00 -5.17 -36.05
C THR B 324 -1.60 -3.70 -35.97
N GLY B 325 -0.78 -3.22 -36.90
CA GLY B 325 -0.32 -1.85 -36.88
C GLY B 325 0.90 -1.60 -36.03
N LYS B 326 1.32 -2.57 -35.22
CA LYS B 326 2.49 -2.38 -34.39
C LYS B 326 3.76 -2.39 -35.23
N ILE B 327 4.81 -1.79 -34.69
CA ILE B 327 6.11 -1.71 -35.36
C ILE B 327 7.06 -2.67 -34.66
N PRO B 328 7.61 -3.66 -35.35
CA PRO B 328 8.65 -4.49 -34.72
C PRO B 328 9.91 -3.67 -34.45
N VAL B 329 10.58 -3.97 -33.35
CA VAL B 329 11.77 -3.23 -32.95
C VAL B 329 12.77 -4.19 -32.34
N THR B 330 14.04 -3.78 -32.35
CA THR B 330 15.10 -4.52 -31.69
C THR B 330 15.01 -4.31 -30.19
N ASP B 331 15.82 -5.09 -29.44
CA ASP B 331 15.87 -4.93 -27.99
C ASP B 331 16.50 -3.60 -27.60
N GLU B 332 16.90 -2.82 -28.60
CA GLU B 332 17.36 -1.46 -28.38
C GLU B 332 16.36 -0.43 -28.90
N GLU B 333 15.12 -0.86 -29.15
CA GLU B 333 14.04 0.00 -29.62
C GLU B 333 14.29 0.55 -31.02
N GLN B 334 15.14 -0.13 -31.80
CA GLN B 334 15.51 0.33 -33.12
C GLN B 334 14.68 -0.37 -34.19
N THR B 335 14.14 0.40 -35.13
CA THR B 335 13.40 -0.17 -36.24
C THR B 335 14.36 -0.76 -37.27
N ASN B 336 13.80 -1.27 -38.36
CA ASN B 336 14.64 -1.77 -39.45
C ASN B 336 15.44 -0.65 -40.12
N VAL B 337 14.98 0.59 -40.00
CA VAL B 337 15.70 1.75 -40.50
C VAL B 337 16.59 2.25 -39.35
N PRO B 338 17.91 2.28 -39.53
CA PRO B 338 18.80 2.51 -38.38
C PRO B 338 18.50 3.77 -37.57
N TYR B 339 18.18 4.89 -38.21
CA TYR B 339 18.10 6.15 -37.50
C TYR B 339 16.72 6.48 -36.95
N ILE B 340 15.75 5.59 -37.10
CA ILE B 340 14.41 5.81 -36.56
C ILE B 340 14.15 4.77 -35.48
N TYR B 341 13.80 5.23 -34.28
CA TYR B 341 13.48 4.38 -33.15
C TYR B 341 12.04 4.62 -32.72
N ALA B 342 11.39 3.58 -32.22
CA ALA B 342 10.02 3.66 -31.77
C ALA B 342 9.93 3.19 -30.33
N ILE B 343 9.11 3.89 -29.54
CA ILE B 343 8.86 3.52 -28.15
C ILE B 343 7.37 3.70 -27.88
N GLY B 344 6.93 3.12 -26.78
CA GLY B 344 5.55 3.22 -26.36
C GLY B 344 4.74 2.00 -26.72
N ASP B 345 3.43 2.22 -26.79
CA ASP B 345 2.50 1.12 -27.02
C ASP B 345 2.58 0.60 -28.45
N ILE B 346 3.03 1.43 -29.40
CA ILE B 346 3.03 1.05 -30.80
C ILE B 346 3.93 -0.16 -31.06
N LEU B 347 4.82 -0.48 -30.14
CA LEU B 347 5.74 -1.59 -30.34
C LEU B 347 5.02 -2.93 -30.37
N GLU B 348 5.61 -3.87 -31.10
CA GLU B 348 5.06 -5.20 -31.23
C GLU B 348 5.50 -6.08 -30.07
N ASP B 349 4.52 -6.77 -29.46
CA ASP B 349 4.77 -7.76 -28.40
C ASP B 349 5.54 -7.18 -27.22
N LYS B 350 5.12 -6.00 -26.78
CA LYS B 350 5.70 -5.40 -25.59
C LYS B 350 4.56 -5.11 -24.63
N VAL B 351 4.82 -4.37 -23.57
CA VAL B 351 3.82 -4.11 -22.53
C VAL B 351 3.40 -2.66 -22.64
N GLU B 352 2.09 -2.43 -22.70
CA GLU B 352 1.52 -1.12 -23.00
C GLU B 352 1.17 -0.40 -21.70
N LEU B 353 2.22 -0.02 -20.97
CA LEU B 353 2.03 0.70 -19.73
C LEU B 353 2.96 1.90 -19.68
N THR B 354 2.48 2.95 -19.01
CA THR B 354 3.19 4.22 -18.94
C THR B 354 4.59 4.12 -18.36
N PRO B 355 4.86 3.37 -17.28
CA PRO B 355 6.23 3.30 -16.79
C PRO B 355 7.14 2.56 -17.73
N VAL B 356 6.61 1.62 -18.51
CA VAL B 356 7.43 0.97 -19.53
C VAL B 356 7.85 1.99 -20.59
N ALA B 357 6.89 2.77 -21.09
CA ALA B 357 7.23 3.81 -22.06
C ALA B 357 8.26 4.78 -21.49
N ILE B 358 8.06 5.24 -20.26
CA ILE B 358 8.97 6.24 -19.69
C ILE B 358 10.36 5.65 -19.50
N GLN B 359 10.43 4.43 -18.97
CA GLN B 359 11.72 3.79 -18.76
C GLN B 359 12.44 3.55 -20.08
N ALA B 360 11.70 3.08 -21.09
CA ALA B 360 12.31 2.86 -22.40
C ALA B 360 12.83 4.16 -22.99
N GLY B 361 12.06 5.23 -22.87
CA GLY B 361 12.54 6.51 -23.37
C GLY B 361 13.79 6.97 -22.67
N ARG B 362 13.81 6.87 -21.34
CA ARG B 362 14.98 7.30 -20.58
C ARG B 362 16.21 6.49 -20.97
N LEU B 363 16.06 5.17 -21.02
CA LEU B 363 17.20 4.33 -21.35
C LEU B 363 17.64 4.53 -22.78
N LEU B 364 16.70 4.74 -23.70
CA LEU B 364 17.06 5.00 -25.08
C LEU B 364 17.87 6.28 -25.21
N ALA B 365 17.45 7.34 -24.53
CA ALA B 365 18.21 8.58 -24.58
C ALA B 365 19.59 8.38 -24.01
N GLN B 366 19.69 7.67 -22.89
CA GLN B 366 21.01 7.47 -22.29
C GLN B 366 21.90 6.61 -23.19
N ARG B 367 21.31 5.64 -23.89
CA ARG B 367 22.10 4.84 -24.81
C ARG B 367 22.60 5.67 -25.98
N LEU B 368 21.74 6.55 -26.51
CA LEU B 368 22.12 7.29 -27.71
C LEU B 368 23.14 8.36 -27.39
N TYR B 369 23.01 9.02 -26.24
CA TYR B 369 23.83 10.20 -25.98
C TYR B 369 24.60 10.15 -24.67
N ALA B 370 24.56 9.04 -23.93
CA ALA B 370 25.30 8.99 -22.69
C ALA B 370 26.14 7.72 -22.58
N GLY B 371 26.38 7.04 -23.69
CA GLY B 371 27.29 5.91 -23.72
C GLY B 371 26.88 4.74 -22.86
N SER B 372 25.67 4.75 -22.31
CA SER B 372 25.22 3.62 -21.50
C SER B 372 25.00 2.40 -22.37
N THR B 373 24.84 1.25 -21.70
CA THR B 373 24.52 0.01 -22.40
C THR B 373 23.35 -0.71 -21.73
N VAL B 374 22.75 -0.10 -20.71
CA VAL B 374 21.65 -0.74 -20.00
C VAL B 374 20.41 -0.71 -20.88
N LYS B 375 19.78 -1.86 -21.03
CA LYS B 375 18.58 -1.98 -21.84
C LYS B 375 17.32 -2.00 -20.98
N CYS B 376 16.18 -1.81 -21.63
CA CYS B 376 14.90 -1.85 -20.93
C CYS B 376 14.45 -3.29 -20.76
N ASP B 377 14.13 -3.66 -19.53
CA ASP B 377 13.68 -5.01 -19.22
C ASP B 377 12.16 -5.02 -19.26
N TYR B 378 11.61 -5.78 -20.19
CA TYR B 378 10.16 -5.92 -20.36
C TYR B 378 9.61 -7.16 -19.70
N GLU B 379 10.39 -7.83 -18.87
CA GLU B 379 9.95 -9.06 -18.22
C GLU B 379 9.45 -8.79 -16.82
N ASN B 380 8.36 -9.45 -16.45
CA ASN B 380 7.80 -9.40 -15.09
C ASN B 380 7.48 -7.97 -14.67
N VAL B 381 6.87 -7.20 -15.56
CA VAL B 381 6.51 -5.83 -15.22
C VAL B 381 5.13 -5.86 -14.56
N PRO B 382 4.97 -5.22 -13.41
CA PRO B 382 3.68 -5.26 -12.70
C PRO B 382 2.64 -4.39 -13.39
N THR B 383 1.39 -4.69 -13.06
CA THR B 383 0.26 -3.88 -13.49
C THR B 383 -0.79 -3.87 -12.38
N THR B 384 -1.69 -2.89 -12.46
CA THR B 384 -2.81 -2.83 -11.54
C THR B 384 -4.05 -2.40 -12.30
N VAL B 385 -5.12 -3.15 -12.13
CA VAL B 385 -6.42 -2.81 -12.64
C VAL B 385 -7.21 -2.21 -11.48
N PHE B 386 -7.62 -0.96 -11.62
CA PHE B 386 -8.27 -0.27 -10.50
C PHE B 386 -9.77 -0.49 -10.48
N THR B 387 -10.19 -1.75 -10.49
CA THR B 387 -11.59 -2.08 -10.31
C THR B 387 -12.02 -1.66 -8.91
N PRO B 388 -13.34 -1.72 -8.61
CA PRO B 388 -13.78 -1.45 -7.23
C PRO B 388 -12.91 -2.15 -6.20
N LEU B 389 -12.54 -3.38 -6.50
CA LEU B 389 -11.56 -4.12 -5.74
C LEU B 389 -10.27 -4.17 -6.56
N GLU B 390 -9.24 -3.47 -6.09
CA GLU B 390 -8.02 -3.33 -6.86
C GLU B 390 -7.39 -4.69 -7.14
N TYR B 391 -6.78 -4.82 -8.31
CA TYR B 391 -6.15 -6.08 -8.70
C TYR B 391 -4.72 -5.78 -9.13
N GLY B 392 -3.76 -6.28 -8.39
CA GLY B 392 -2.36 -6.04 -8.68
C GLY B 392 -1.71 -7.35 -9.09
N ALA B 393 -0.91 -7.31 -10.15
CA ALA B 393 -0.34 -8.52 -10.69
C ALA B 393 1.10 -8.27 -11.09
N CYS B 394 1.91 -9.31 -10.99
CA CYS B 394 3.30 -9.23 -11.44
C CYS B 394 3.77 -10.62 -11.83
N GLY B 395 4.23 -10.76 -13.06
CA GLY B 395 4.73 -12.04 -13.51
C GLY B 395 3.69 -12.87 -14.24
N LEU B 396 3.87 -14.18 -14.21
CA LEU B 396 3.08 -15.08 -15.04
C LEU B 396 1.70 -15.29 -14.44
N SER B 397 0.72 -15.48 -15.30
CA SER B 397 -0.56 -16.02 -14.85
C SER B 397 -0.39 -17.48 -14.49
N GLU B 398 -1.42 -18.04 -13.84
CA GLU B 398 -1.43 -19.47 -13.58
C GLU B 398 -1.43 -20.26 -14.88
N GLU B 399 -2.30 -19.90 -15.81
CA GLU B 399 -2.37 -20.60 -17.08
C GLU B 399 -1.04 -20.54 -17.81
N LYS B 400 -0.47 -19.34 -17.94
CA LYS B 400 0.80 -19.19 -18.64
C LYS B 400 1.91 -19.95 -17.93
N ALA B 401 1.91 -19.93 -16.59
CA ALA B 401 2.93 -20.67 -15.85
C ALA B 401 2.83 -22.16 -16.10
N VAL B 402 1.61 -22.72 -16.06
CA VAL B 402 1.44 -24.13 -16.33
C VAL B 402 1.91 -24.46 -17.74
N GLU B 403 1.57 -23.61 -18.70
CA GLU B 403 2.05 -23.78 -20.07
C GLU B 403 3.57 -23.84 -20.11
N LYS B 404 4.23 -22.93 -19.37
CA LYS B 404 5.67 -22.78 -19.51
C LYS B 404 6.44 -23.90 -18.82
N PHE B 405 6.07 -24.22 -17.59
CA PHE B 405 6.87 -25.12 -16.76
C PHE B 405 6.25 -26.49 -16.54
N GLY B 406 4.95 -26.66 -16.81
CA GLY B 406 4.32 -27.95 -16.63
C GLY B 406 3.55 -28.03 -15.34
N GLU B 407 2.28 -28.44 -15.44
CA GLU B 407 1.38 -28.50 -14.30
C GLU B 407 2.04 -29.13 -13.08
N GLU B 408 2.73 -30.24 -13.30
CA GLU B 408 3.32 -30.96 -12.17
C GLU B 408 4.40 -30.17 -11.46
N ASN B 409 4.93 -29.12 -12.07
CA ASN B 409 6.03 -28.37 -11.49
C ASN B 409 5.58 -27.06 -10.88
N ILE B 410 4.29 -26.75 -10.89
CA ILE B 410 3.78 -25.48 -10.40
C ILE B 410 2.97 -25.72 -9.14
N GLU B 411 3.32 -25.03 -8.07
CA GLU B 411 2.52 -25.06 -6.85
C GLU B 411 1.93 -23.67 -6.64
N VAL B 412 0.63 -23.64 -6.35
CA VAL B 412 -0.09 -22.39 -6.21
C VAL B 412 -0.47 -22.23 -4.76
N TYR B 413 0.21 -21.32 -4.06
CA TYR B 413 -0.16 -21.00 -2.70
C TYR B 413 -1.18 -19.89 -2.74
N HIS B 414 -2.25 -20.02 -1.98
CA HIS B 414 -3.25 -18.97 -2.00
C HIS B 414 -3.95 -18.91 -0.67
N SER B 415 -4.59 -17.78 -0.42
CA SER B 415 -5.35 -17.60 0.80
C SER B 415 -6.29 -16.42 0.64
N TYR B 416 -7.45 -16.55 1.27
CA TYR B 416 -8.25 -15.37 1.50
C TYR B 416 -7.68 -14.62 2.70
N PHE B 417 -7.98 -13.32 2.77
CA PHE B 417 -7.65 -12.57 3.96
C PHE B 417 -8.68 -11.47 4.11
N TRP B 418 -8.75 -10.92 5.31
CA TRP B 418 -9.79 -9.94 5.66
C TRP B 418 -9.12 -8.68 6.16
N PRO B 419 -9.03 -7.63 5.34
CA PRO B 419 -8.35 -6.41 5.78
C PRO B 419 -9.02 -5.86 7.03
N LEU B 420 -8.19 -5.43 7.98
CA LEU B 420 -8.71 -4.99 9.26
C LEU B 420 -9.71 -3.85 9.11
N GLU B 421 -9.42 -2.91 8.21
CA GLU B 421 -10.23 -1.71 8.09
C GLU B 421 -11.69 -2.00 7.74
N TRP B 422 -11.98 -3.20 7.25
CA TRP B 422 -13.34 -3.54 6.86
C TRP B 422 -14.12 -4.25 7.94
N THR B 423 -13.48 -4.61 9.05
CA THR B 423 -14.17 -5.41 10.06
C THR B 423 -15.24 -4.60 10.77
N ILE B 424 -14.96 -3.34 11.08
CA ILE B 424 -15.93 -2.50 11.76
C ILE B 424 -17.10 -2.17 10.83
N PRO B 425 -16.88 -1.79 9.57
CA PRO B 425 -18.02 -1.70 8.65
C PRO B 425 -18.72 -3.02 8.45
N SER B 426 -18.06 -4.13 8.80
CA SER B 426 -18.66 -5.46 8.76
C SER B 426 -19.11 -5.79 7.35
N ARG B 427 -18.20 -5.69 6.38
CA ARG B 427 -18.55 -5.91 5.00
C ARG B 427 -17.43 -6.63 4.28
N ASP B 428 -17.80 -7.40 3.27
CA ASP B 428 -16.85 -7.92 2.31
C ASP B 428 -15.79 -8.79 2.96
N ASN B 429 -16.24 -9.80 3.69
CA ASN B 429 -15.28 -10.77 4.21
C ASN B 429 -15.01 -11.85 3.17
N ASN B 430 -13.91 -12.57 3.36
CA ASN B 430 -13.49 -13.66 2.49
C ASN B 430 -13.70 -13.33 1.02
N LYS B 431 -13.39 -12.10 0.64
CA LYS B 431 -13.41 -11.67 -0.76
C LYS B 431 -12.01 -11.40 -1.26
N CYS B 432 -11.23 -10.61 -0.54
CA CYS B 432 -9.84 -10.39 -0.90
C CYS B 432 -9.13 -11.72 -1.03
N TYR B 433 -8.13 -11.76 -1.91
CA TYR B 433 -7.55 -13.02 -2.33
C TYR B 433 -6.10 -12.78 -2.68
N ALA B 434 -5.20 -13.60 -2.17
CA ALA B 434 -3.79 -13.44 -2.50
C ALA B 434 -3.22 -14.79 -2.90
N LYS B 435 -2.55 -14.85 -4.04
CA LYS B 435 -1.96 -16.10 -4.45
C LYS B 435 -0.62 -15.87 -5.12
N ILE B 436 0.32 -16.74 -4.82
CA ILE B 436 1.62 -16.75 -5.47
C ILE B 436 1.79 -18.08 -6.16
N ILE B 437 2.44 -18.04 -7.31
CA ILE B 437 2.66 -19.20 -8.16
C ILE B 437 4.14 -19.50 -8.15
N CYS B 438 4.51 -20.70 -7.70
CA CYS B 438 5.90 -21.03 -7.48
C CYS B 438 6.32 -22.21 -8.34
N ASN B 439 7.57 -22.12 -8.82
CA ASN B 439 8.20 -23.11 -9.68
C ASN B 439 9.04 -24.02 -8.79
N THR B 440 8.61 -25.28 -8.67
CA THR B 440 9.34 -26.21 -7.82
C THR B 440 10.69 -26.61 -8.41
N LYS B 441 10.75 -26.73 -9.74
CA LYS B 441 11.98 -27.12 -10.40
C LYS B 441 13.13 -26.15 -10.17
N ASP B 442 12.87 -24.98 -9.59
CA ASP B 442 13.83 -23.89 -9.52
C ASP B 442 13.85 -23.31 -8.11
N ASN B 443 13.93 -24.18 -7.11
CA ASN B 443 13.97 -23.77 -5.70
C ASN B 443 12.68 -23.07 -5.29
N GLU B 444 11.56 -23.58 -5.78
CA GLU B 444 10.25 -22.99 -5.52
C GLU B 444 10.25 -21.49 -5.77
N ARG B 445 10.86 -21.08 -6.88
CA ARG B 445 10.97 -19.67 -7.16
C ARG B 445 9.59 -19.07 -7.37
N VAL B 446 9.42 -17.81 -6.97
CA VAL B 446 8.12 -17.14 -7.10
C VAL B 446 8.08 -16.55 -8.49
N VAL B 447 7.40 -17.25 -9.42
CA VAL B 447 7.32 -16.76 -10.79
C VAL B 447 6.09 -15.90 -11.00
N GLY B 448 5.13 -15.93 -10.09
CA GLY B 448 3.89 -15.23 -10.29
C GLY B 448 3.36 -14.66 -8.99
N PHE B 449 2.74 -13.49 -9.06
CA PHE B 449 2.24 -12.83 -7.88
C PHE B 449 0.94 -12.14 -8.24
N HIS B 450 -0.12 -12.41 -7.48
CA HIS B 450 -1.42 -11.82 -7.76
C HIS B 450 -2.09 -11.50 -6.44
N VAL B 451 -2.54 -10.26 -6.30
CA VAL B 451 -3.19 -9.82 -5.08
C VAL B 451 -4.46 -9.10 -5.47
N LEU B 452 -5.55 -9.42 -4.79
CA LEU B 452 -6.83 -8.79 -5.01
C LEU B 452 -7.28 -8.25 -3.66
N GLY B 453 -7.15 -6.95 -3.47
CA GLY B 453 -7.49 -6.36 -2.20
C GLY B 453 -7.13 -4.90 -2.19
N PRO B 454 -7.42 -4.21 -1.10
CA PRO B 454 -7.24 -2.76 -1.09
C PRO B 454 -5.78 -2.40 -1.21
N ASN B 455 -5.53 -1.26 -1.87
CA ASN B 455 -4.17 -0.77 -2.10
C ASN B 455 -3.30 -1.85 -2.74
N ALA B 456 -3.81 -2.46 -3.79
CA ALA B 456 -3.11 -3.55 -4.45
C ALA B 456 -1.77 -3.11 -5.01
N GLY B 457 -1.75 -1.96 -5.69
CA GLY B 457 -0.51 -1.55 -6.36
C GLY B 457 0.61 -1.27 -5.38
N GLU B 458 0.28 -0.67 -4.25
CA GLU B 458 1.30 -0.40 -3.25
C GLU B 458 1.92 -1.69 -2.75
N VAL B 459 1.10 -2.72 -2.52
CA VAL B 459 1.66 -3.99 -2.10
C VAL B 459 2.46 -4.63 -3.21
N THR B 460 2.03 -4.43 -4.47
CA THR B 460 2.61 -5.14 -5.61
C THR B 460 3.95 -4.56 -6.04
N GLN B 461 4.16 -3.26 -5.85
CA GLN B 461 5.43 -2.67 -6.24
C GLN B 461 6.60 -3.40 -5.60
N GLY B 462 6.51 -3.61 -4.29
CA GLY B 462 7.62 -4.24 -3.58
C GLY B 462 7.87 -5.66 -4.02
N PHE B 463 6.81 -6.45 -4.19
CA PHE B 463 7.03 -7.83 -4.59
C PHE B 463 7.48 -7.93 -6.03
N ALA B 464 7.17 -6.94 -6.87
CA ALA B 464 7.76 -6.90 -8.20
C ALA B 464 9.27 -6.66 -8.10
N ALA B 465 9.67 -5.71 -7.26
CA ALA B 465 11.08 -5.49 -7.05
C ALA B 465 11.76 -6.75 -6.51
N ALA B 466 11.05 -7.48 -5.66
CA ALA B 466 11.60 -8.73 -5.16
C ALA B 466 11.73 -9.77 -6.26
N LEU B 467 10.76 -9.84 -7.17
CA LEU B 467 10.84 -10.79 -8.26
C LEU B 467 12.04 -10.49 -9.13
N LYS B 468 12.36 -9.22 -9.33
CA LYS B 468 13.59 -8.90 -10.05
C LYS B 468 14.82 -9.44 -9.32
N CYS B 469 14.74 -9.62 -8.01
CA CYS B 469 15.83 -10.19 -7.23
C CYS B 469 15.77 -11.70 -7.13
N GLY B 470 14.80 -12.35 -7.77
CA GLY B 470 14.69 -13.79 -7.68
C GLY B 470 14.21 -14.28 -6.34
N LEU B 471 13.19 -13.64 -5.77
CA LEU B 471 12.63 -14.07 -4.50
C LEU B 471 12.22 -15.53 -4.56
N THR B 472 12.55 -16.27 -3.51
CA THR B 472 12.22 -17.68 -3.40
C THR B 472 11.19 -17.87 -2.30
N LYS B 473 10.43 -18.96 -2.41
CA LYS B 473 9.38 -19.23 -1.42
C LYS B 473 9.96 -19.31 -0.02
N LYS B 474 11.16 -19.88 0.12
CA LYS B 474 11.76 -19.98 1.44
C LYS B 474 12.05 -18.59 2.02
N GLN B 475 12.69 -17.73 1.24
CA GLN B 475 12.98 -16.40 1.76
C GLN B 475 11.70 -15.65 2.10
N LEU B 476 10.72 -15.68 1.19
CA LEU B 476 9.45 -15.05 1.45
C LEU B 476 8.86 -15.52 2.76
N ASP B 477 8.90 -16.83 3.00
CA ASP B 477 8.45 -17.35 4.29
C ASP B 477 9.27 -16.81 5.45
N SER B 478 10.56 -16.57 5.23
CA SER B 478 11.38 -16.05 6.31
C SER B 478 11.18 -14.56 6.54
N THR B 479 10.67 -13.83 5.56
CA THR B 479 10.41 -12.41 5.75
C THR B 479 9.37 -12.23 6.84
N ILE B 480 9.59 -11.26 7.68
CA ILE B 480 8.67 -10.98 8.78
C ILE B 480 7.63 -9.98 8.32
N GLY B 481 6.37 -10.33 8.51
CA GLY B 481 5.31 -9.44 8.12
C GLY B 481 5.28 -8.20 8.99
N ILE B 482 4.50 -7.22 8.57
CA ILE B 482 4.17 -6.07 9.39
C ILE B 482 2.76 -6.25 9.92
N HIS B 483 2.52 -5.87 11.15
CA HIS B 483 1.19 -6.09 11.66
C HIS B 483 0.60 -4.79 12.19
N PRO B 484 -0.69 -4.53 11.98
CA PRO B 484 -1.61 -5.24 11.09
C PRO B 484 -1.71 -4.56 9.74
N VAL B 485 -1.23 -5.21 8.69
CA VAL B 485 -1.28 -4.65 7.35
C VAL B 485 -1.76 -5.75 6.41
N CYS B 486 -2.56 -5.38 5.41
CA CYS B 486 -3.06 -6.36 4.45
C CYS B 486 -1.93 -7.18 3.86
N ALA B 487 -0.87 -6.50 3.41
CA ALA B 487 0.22 -7.16 2.71
C ALA B 487 0.78 -8.35 3.49
N GLU B 488 0.64 -8.37 4.81
CA GLU B 488 1.25 -9.43 5.59
C GLU B 488 0.69 -10.79 5.25
N VAL B 489 -0.42 -10.86 4.52
CA VAL B 489 -0.91 -12.17 4.11
C VAL B 489 0.13 -12.89 3.27
N PHE B 490 0.99 -12.13 2.58
CA PHE B 490 2.01 -12.74 1.75
C PHE B 490 3.17 -13.30 2.55
N THR B 491 3.18 -13.14 3.86
CA THR B 491 4.23 -13.73 4.67
C THR B 491 3.97 -15.19 5.01
N THR B 492 2.71 -15.59 5.12
CA THR B 492 2.39 -16.89 5.72
C THR B 492 1.52 -17.73 4.82
N LEU B 493 1.77 -17.68 3.52
CA LEU B 493 1.04 -18.53 2.58
C LEU B 493 1.49 -19.97 2.73
N SER B 494 0.59 -20.85 3.13
CA SER B 494 0.92 -22.25 3.34
C SER B 494 -0.04 -23.23 2.71
N VAL B 495 -1.20 -22.79 2.23
CA VAL B 495 -2.21 -23.69 1.69
C VAL B 495 -2.04 -23.74 0.18
N THR B 496 -1.96 -24.94 -0.38
CA THR B 496 -1.84 -25.10 -1.81
C THR B 496 -3.20 -25.45 -2.43
N LYS B 497 -3.37 -25.07 -3.68
CA LYS B 497 -4.53 -25.53 -4.44
C LYS B 497 -4.45 -27.02 -4.68
N ARG B 498 -3.25 -27.54 -4.91
CA ARG B 498 -3.08 -28.97 -5.12
C ARG B 498 -3.55 -29.77 -3.92
N SER B 499 -3.27 -29.28 -2.71
CA SER B 499 -3.73 -29.97 -1.51
C SER B 499 -5.24 -30.02 -1.42
N GLY B 500 -5.93 -29.05 -2.05
CA GLY B 500 -7.37 -29.02 -2.03
C GLY B 500 -8.00 -28.57 -0.73
N ALA B 501 -7.19 -28.25 0.29
CA ALA B 501 -7.73 -27.84 1.57
C ALA B 501 -8.51 -26.54 1.44
N SER B 502 -9.42 -26.31 2.39
CA SER B 502 -10.23 -25.11 2.38
C SER B 502 -9.42 -23.90 2.84
N ILE B 503 -9.86 -22.72 2.44
CA ILE B 503 -9.10 -21.50 2.71
C ILE B 503 -9.99 -20.48 3.40
N LEU B 504 -11.22 -20.89 3.74
CA LEU B 504 -12.20 -19.99 4.33
C LEU B 504 -11.78 -19.56 5.73
PA FAD C . 1.80 -10.01 25.26
O1A FAD C . 1.46 -8.88 26.15
O2A FAD C . 0.97 -10.08 23.99
O5B FAD C . 1.68 -11.35 26.05
C5B FAD C . 1.57 -11.36 27.49
C4B FAD C . 0.26 -11.92 27.93
O4B FAD C . 0.46 -12.78 29.08
C3B FAD C . -0.75 -10.88 28.40
O3B FAD C . -2.08 -11.35 28.20
C2B FAD C . -0.45 -10.78 29.89
O2B FAD C . -1.56 -10.30 30.63
C1B FAD C . -0.21 -12.25 30.20
N9A FAD C . 0.58 -12.49 31.40
C8A FAD C . 1.39 -11.60 32.03
N7A FAD C . 1.97 -12.07 33.11
C5A FAD C . 1.48 -13.37 33.20
C6A FAD C . 1.71 -14.42 34.11
N6A FAD C . 2.51 -14.32 35.17
N1A FAD C . 1.06 -15.58 33.91
C2A FAD C . 0.25 -15.68 32.85
N3A FAD C . -0.04 -14.78 31.91
C4A FAD C . 0.62 -13.64 32.15
N1 FAD C . 3.72 -4.22 17.67
C2 FAD C . 3.72 -4.32 16.31
O2 FAD C . 4.40 -5.16 15.72
N3 FAD C . 2.94 -3.47 15.56
C4 FAD C . 2.13 -2.49 16.05
O4 FAD C . 1.49 -1.79 15.28
C4X FAD C . 2.13 -2.39 17.50
N5 FAD C . 1.40 -1.50 18.03
C5X FAD C . 1.40 -1.40 19.41
C6 FAD C . 0.59 -0.43 20.00
C7 FAD C . 0.56 -0.30 21.39
C7M FAD C . -0.33 0.76 22.01
C8 FAD C . 1.33 -1.15 22.19
C8M FAD C . 1.31 -1.02 23.69
C9 FAD C . 2.13 -2.11 21.60
C9A FAD C . 2.16 -2.25 20.22
N10 FAD C . 2.96 -3.20 19.57
C10 FAD C . 2.96 -3.31 18.21
C1' FAD C . 3.80 -4.14 20.35
C2' FAD C . 3.06 -5.41 20.72
O2' FAD C . 1.91 -5.09 21.48
C3' FAD C . 3.98 -6.32 21.54
O3' FAD C . 5.29 -6.25 21.03
C4' FAD C . 3.52 -7.77 21.50
O4' FAD C . 2.20 -7.83 22.01
C5' FAD C . 4.42 -8.70 22.30
O5' FAD C . 3.79 -9.99 22.41
P FAD C . 3.91 -10.85 23.73
O1P FAD C . 2.99 -12.07 23.61
O2P FAD C . 5.32 -11.14 24.01
O3P FAD C . 3.32 -9.92 24.82
AU AU D . -14.44 13.95 21.68
PA FAD E . 0.58 8.47 -25.86
O1A FAD E . -0.83 8.49 -26.31
O2A FAD E . 0.79 8.95 -24.43
O5B FAD E . 1.43 9.34 -26.84
C5B FAD E . 0.90 9.76 -28.12
C4B FAD E . 0.79 11.25 -28.18
O4B FAD E . 1.22 11.71 -29.49
C3B FAD E . -0.62 11.79 -28.02
O3B FAD E . -0.60 13.10 -27.48
C2B FAD E . -1.12 11.82 -29.46
O2B FAD E . -2.19 12.75 -29.63
C1B FAD E . 0.13 12.32 -30.16
N9A FAD E . 0.20 12.01 -31.57
C8A FAD E . -0.53 11.05 -32.24
N7A FAD E . -0.29 11.01 -33.53
C5A FAD E . 0.65 12.01 -33.73
C6A FAD E . 1.32 12.47 -34.88
N6A FAD E . 1.13 11.96 -36.09
N1A FAD E . 2.19 13.48 -34.73
C2A FAD E . 2.37 14.00 -33.50
N3A FAD E . 1.80 13.66 -32.35
C4A FAD E . 0.95 12.65 -32.53
N1 FAD E . -1.18 2.57 -18.33
C2 FAD E . -0.63 2.30 -17.12
O2 FAD E . 0.54 1.93 -17.00
N3 FAD E . -1.38 2.44 -15.97
C4 FAD E . -2.68 2.83 -15.91
O4 FAD E . -3.25 2.92 -14.82
C4X FAD E . -3.26 3.13 -17.20
N5 FAD E . -4.48 3.50 -17.23
C5X FAD E . -5.04 3.78 -18.46
C6 FAD E . -6.37 4.20 -18.51
C7 FAD E . -6.99 4.49 -19.71
C7M FAD E . -8.42 4.94 -19.73
C8 FAD E . -6.26 4.36 -20.91
C8M FAD E . -6.90 4.67 -22.23
C9 FAD E . -4.94 3.94 -20.87
C9A FAD E . -4.33 3.65 -19.65
N10 FAD E . -3.00 3.23 -19.57
C10 FAD E . -2.43 2.96 -18.35
C1' FAD E . -2.17 3.08 -20.78
C2' FAD E . -1.42 4.35 -21.13
O2' FAD E . -2.37 5.40 -21.35
C3' FAD E . -0.61 4.13 -22.41
O3' FAD E . -0.05 2.84 -22.38
C4' FAD E . 0.51 5.15 -22.55
O4' FAD E . -0.07 6.45 -22.56
C5' FAD E . 1.36 4.95 -23.79
O5' FAD E . 2.23 6.09 -23.96
P FAD E . 2.56 6.64 -25.39
O1P FAD E . 3.35 7.95 -25.25
O2P FAD E . 3.19 5.60 -26.21
O3P FAD E . 1.17 7.01 -25.98
AU AU F . -24.64 11.50 -11.53
#